data_4MLL
#
_entry.id   4MLL
#
_cell.length_a   50.919
_cell.length_b   72.609
_cell.length_c   73.446
_cell.angle_alpha   80.90
_cell.angle_beta   69.87
_cell.angle_gamma   71.44
#
_symmetry.space_group_name_H-M   'P 1'
#
loop_
_entity.id
_entity.type
_entity.pdbx_description
1 polymer 'Beta-lactamase OXA-1'
2 non-polymer '(2R,4S)-5,5-dimethyl-2-[(1R)-1-{[(5-methyl-3-phenyl-1,2-oxazol-4-yl)carbonyl]amino}-2-oxoethyl]-1,3-thiazolidine-4-carb oxylic acid'
3 non-polymer 'PHOSPHATE ION'
4 non-polymer (4S)-2-METHYL-2,4-PENTANEDIOL
5 water water
#
_entity_poly.entity_id   1
_entity_poly.type   'polypeptide(L)'
_entity_poly.pdbx_seq_one_letter_code
;STDISTVASPLFEGTEGCFLLYDASTNAEIAQFNKAKCATQMAPDSTFDIALSLMAFDAEIIDQKTIFKWDKTPKGMEIW
NSNHTPKTWMQFSVVWVSQEITQKIGLNKIKNYLKDFDYGNQDFSGDKERNNGLTEAWLESSLKISPEEQIQFLRKIINH
NLPVKNSAIENTIENMYLQDLDNSTKLYGKTGAGFTANRTLQNGWFEGFIISKSGHKYVFVSALTGNLGSNLTSSIKAKK
NAITILNTLNL
;
_entity_poly.pdbx_strand_id   A,B,C,D
#
# COMPACT_ATOMS: atom_id res chain seq x y z
N THR A 2 -15.83 8.57 -38.06
CA THR A 2 -14.87 7.71 -37.28
C THR A 2 -14.28 8.44 -36.07
N ASP A 3 -14.53 9.75 -35.97
CA ASP A 3 -14.20 10.51 -34.75
C ASP A 3 -14.96 9.95 -33.54
N ILE A 4 -14.23 9.43 -32.55
CA ILE A 4 -14.88 8.78 -31.36
C ILE A 4 -14.64 9.63 -30.10
N SER A 5 -14.32 10.90 -30.31
CA SER A 5 -13.97 11.82 -29.21
C SER A 5 -15.00 11.87 -28.10
N THR A 6 -16.28 11.72 -28.45
CA THR A 6 -17.36 11.72 -27.45
CA THR A 6 -17.33 11.77 -27.43
C THR A 6 -17.12 10.71 -26.36
N VAL A 7 -16.63 9.53 -26.74
CA VAL A 7 -16.38 8.46 -25.78
C VAL A 7 -14.95 8.48 -25.21
N ALA A 8 -14.01 8.85 -26.07
CA ALA A 8 -12.60 8.69 -25.75
C ALA A 8 -12.08 9.86 -24.90
N SER A 9 -12.67 11.04 -25.09
CA SER A 9 -12.19 12.23 -24.39
C SER A 9 -12.15 12.11 -22.89
N PRO A 10 -13.26 11.73 -22.27
CA PRO A 10 -13.22 11.56 -20.82
C PRO A 10 -12.19 10.53 -20.33
N LEU A 11 -11.97 9.48 -21.12
CA LEU A 11 -11.05 8.42 -20.71
C LEU A 11 -9.59 8.90 -20.71
N PHE A 12 -9.31 9.84 -21.61
CA PHE A 12 -7.97 10.39 -21.75
C PHE A 12 -7.76 11.76 -21.12
N GLU A 13 -8.80 12.27 -20.43
CA GLU A 13 -8.63 13.50 -19.68
C GLU A 13 -7.41 13.43 -18.78
N GLY A 14 -6.67 14.53 -18.64
CA GLY A 14 -5.46 14.68 -17.84
C GLY A 14 -4.21 14.21 -18.54
N THR A 15 -4.38 13.71 -19.77
CA THR A 15 -3.27 13.22 -20.58
C THR A 15 -3.39 13.75 -21.99
N GLU A 16 -2.32 13.59 -22.75
N GLU A 16 -2.31 13.63 -22.74
CA GLU A 16 -2.37 13.72 -24.21
CA GLU A 16 -2.36 13.73 -24.19
C GLU A 16 -2.46 12.32 -24.81
C GLU A 16 -2.46 12.32 -24.80
N GLY A 17 -3.66 11.95 -25.21
CA GLY A 17 -3.96 10.57 -25.55
C GLY A 17 -4.39 10.42 -26.98
N CYS A 18 -4.45 9.19 -27.44
CA CYS A 18 -4.97 8.86 -28.75
C CYS A 18 -5.38 7.43 -28.87
N PHE A 19 -6.22 7.18 -29.85
CA PHE A 19 -6.68 5.85 -30.09
C PHE A 19 -6.84 5.72 -31.62
N LEU A 20 -6.51 4.54 -32.15
CA LEU A 20 -6.70 4.19 -33.55
C LEU A 20 -7.19 2.78 -33.63
N LEU A 21 -8.14 2.53 -34.52
CA LEU A 21 -8.62 1.20 -34.82
C LEU A 21 -8.80 1.13 -36.35
N TYR A 22 -8.15 0.13 -36.95
CA TYR A 22 -8.21 -0.07 -38.40
C TYR A 22 -8.59 -1.51 -38.70
N ASP A 23 -9.35 -1.70 -39.79
CA ASP A 23 -9.58 -3.04 -40.29
C ASP A 23 -8.29 -3.57 -40.90
N ALA A 24 -7.81 -4.74 -40.45
CA ALA A 24 -6.51 -5.22 -40.89
C ALA A 24 -6.51 -5.54 -42.41
N SER A 25 -7.67 -5.96 -42.91
CA SER A 25 -7.70 -6.49 -44.28
C SER A 25 -7.81 -5.32 -45.24
N THR A 26 -8.65 -4.36 -44.97
CA THR A 26 -8.89 -3.25 -45.86
C THR A 26 -8.14 -1.96 -45.54
N ASN A 27 -7.53 -1.88 -44.36
CA ASN A 27 -6.90 -0.65 -43.89
C ASN A 27 -7.87 0.51 -43.69
N ALA A 28 -9.15 0.20 -43.55
CA ALA A 28 -10.13 1.23 -43.26
C ALA A 28 -10.00 1.70 -41.81
N GLU A 29 -9.94 3.00 -41.62
CA GLU A 29 -9.99 3.58 -40.30
C GLU A 29 -11.39 3.45 -39.73
N ILE A 30 -11.53 2.75 -38.61
CA ILE A 30 -12.82 2.48 -38.00
C ILE A 30 -13.11 3.51 -36.91
N ALA A 31 -12.10 3.85 -36.15
CA ALA A 31 -12.23 4.80 -35.05
C ALA A 31 -10.91 5.51 -34.83
N GLN A 32 -10.96 6.79 -34.49
CA GLN A 32 -9.81 7.58 -34.18
C GLN A 32 -10.16 8.59 -33.09
N PHE A 33 -9.18 8.84 -32.24
CA PHE A 33 -9.21 9.95 -31.28
C PHE A 33 -7.85 10.60 -31.32
N ASN A 34 -7.80 11.91 -31.60
CA ASN A 34 -6.60 12.75 -31.49
C ASN A 34 -5.50 12.40 -32.51
N LYS A 35 -5.73 12.77 -33.76
CA LYS A 35 -4.75 12.45 -34.80
C LYS A 35 -3.38 13.09 -34.65
N ALA A 36 -3.30 14.27 -34.02
CA ALA A 36 -2.02 14.92 -33.79
C ALA A 36 -1.13 14.07 -32.87
N LYS A 37 -1.70 13.52 -31.80
CA LYS A 37 -0.94 12.65 -30.91
C LYS A 37 -0.62 11.33 -31.64
N CYS A 38 -1.52 10.86 -32.49
CA CYS A 38 -1.26 9.65 -33.30
C CYS A 38 -0.03 9.73 -34.21
N ALA A 39 0.30 10.92 -34.68
CA ALA A 39 1.41 11.11 -35.58
C ALA A 39 2.77 11.33 -34.88
N THR A 40 2.75 11.49 -33.56
CA THR A 40 3.93 11.85 -32.81
C THR A 40 4.71 10.56 -32.47
N GLN A 41 5.98 10.51 -32.84
CA GLN A 41 6.85 9.38 -32.46
C GLN A 41 7.26 9.44 -30.99
N MET A 42 7.20 8.29 -30.33
CA MET A 42 7.71 8.18 -29.00
C MET A 42 8.33 6.80 -28.79
N ALA A 43 9.02 6.63 -27.70
CA ALA A 43 9.62 5.34 -27.39
C ALA A 43 8.57 4.22 -27.35
N PRO A 44 8.84 3.08 -28.01
CA PRO A 44 7.86 1.99 -27.95
C PRO A 44 7.81 1.31 -26.57
N ASP A 45 8.88 1.40 -25.81
CA ASP A 45 8.98 0.68 -24.56
C ASP A 45 8.69 -0.77 -24.77
N SER A 46 7.96 -1.44 -23.92
CA SER A 46 7.83 -2.88 -24.01
C SER A 46 7.02 -3.31 -25.18
N THR A 47 6.38 -2.39 -25.92
CA THR A 47 5.72 -2.86 -27.14
C THR A 47 6.73 -3.32 -28.18
N PHE A 48 7.99 -2.97 -27.98
CA PHE A 48 9.05 -3.45 -28.89
C PHE A 48 9.19 -4.96 -28.75
N ASP A 49 8.72 -5.56 -27.68
CA ASP A 49 8.75 -7.01 -27.54
C ASP A 49 8.06 -7.69 -28.70
N ILE A 50 7.05 -7.03 -29.28
CA ILE A 50 6.38 -7.64 -30.41
C ILE A 50 7.41 -7.86 -31.56
N ALA A 51 8.17 -6.82 -31.84
CA ALA A 51 9.25 -6.96 -32.86
C ALA A 51 10.33 -7.94 -32.43
N LEU A 52 10.75 -7.90 -31.19
CA LEU A 52 11.77 -8.83 -30.71
C LEU A 52 11.29 -10.27 -30.83
N SER A 53 10.04 -10.55 -30.52
CA SER A 53 9.48 -11.87 -30.62
C SER A 53 9.58 -12.36 -32.05
N LEU A 54 9.19 -11.52 -33.01
CA LEU A 54 9.29 -11.91 -34.43
C LEU A 54 10.75 -12.25 -34.72
N MET A 55 11.66 -11.39 -34.30
CA MET A 55 13.07 -11.65 -34.59
C MET A 55 13.54 -12.95 -33.98
N ALA A 56 13.23 -13.18 -32.71
CA ALA A 56 13.73 -14.33 -32.02
C ALA A 56 13.24 -15.61 -32.64
N PHE A 57 11.94 -15.72 -32.89
CA PHE A 57 11.40 -16.91 -33.55
C PHE A 57 11.99 -17.05 -34.94
N ASP A 58 12.06 -15.97 -35.69
CA ASP A 58 12.57 -16.02 -37.09
C ASP A 58 14.00 -16.58 -37.04
N ALA A 59 14.81 -16.04 -36.16
CA ALA A 59 16.24 -16.41 -36.09
C ALA A 59 16.42 -17.77 -35.42
N GLU A 60 15.33 -18.38 -35.02
CA GLU A 60 15.34 -19.70 -34.40
C GLU A 60 16.19 -19.80 -33.15
N ILE A 61 16.26 -18.70 -32.39
CA ILE A 61 16.89 -18.73 -31.07
C ILE A 61 15.97 -19.04 -29.91
N ILE A 62 14.66 -18.99 -30.15
CA ILE A 62 13.68 -19.52 -29.23
C ILE A 62 12.67 -20.36 -30.04
N ASP A 63 11.91 -21.21 -29.15
CA ASP A 63 10.68 -21.80 -29.64
C ASP A 63 9.69 -21.74 -28.48
N GLN A 64 8.48 -22.27 -28.66
CA GLN A 64 7.48 -22.16 -27.64
C GLN A 64 7.77 -22.96 -26.41
N LYS A 65 8.76 -23.86 -26.50
CA LYS A 65 9.16 -24.65 -25.34
C LYS A 65 10.35 -24.06 -24.57
N THR A 66 10.89 -22.96 -25.06
CA THR A 66 12.00 -22.29 -24.39
C THR A 66 11.64 -21.87 -22.98
N ILE A 67 12.53 -22.14 -22.03
CA ILE A 67 12.45 -21.61 -20.70
C ILE A 67 13.64 -20.68 -20.54
N PHE A 68 13.34 -19.41 -20.31
CA PHE A 68 14.32 -18.40 -19.92
C PHE A 68 14.63 -18.53 -18.44
N LYS A 69 15.92 -18.72 -18.13
N LYS A 69 15.93 -18.70 -18.15
CA LYS A 69 16.33 -19.12 -16.79
CA LYS A 69 16.40 -19.04 -16.81
C LYS A 69 16.70 -17.84 -16.03
C LYS A 69 16.69 -17.76 -16.04
N TRP A 70 16.02 -17.59 -14.93
CA TRP A 70 16.26 -16.43 -14.07
C TRP A 70 17.57 -16.58 -13.31
N ASP A 71 18.34 -15.50 -13.23
CA ASP A 71 19.62 -15.55 -12.55
C ASP A 71 19.54 -15.42 -11.01
N LYS A 72 18.33 -15.47 -10.43
CA LYS A 72 18.12 -15.41 -8.96
C LYS A 72 18.30 -14.07 -8.33
N THR A 73 18.54 -13.04 -9.11
CA THR A 73 18.73 -11.73 -8.54
C THR A 73 17.55 -10.81 -8.85
N PRO A 74 17.26 -9.89 -7.93
CA PRO A 74 16.03 -9.11 -8.07
C PRO A 74 16.09 -8.26 -9.33
N LYS A 75 15.00 -8.24 -10.09
CA LYS A 75 14.98 -7.51 -11.36
C LYS A 75 14.14 -6.23 -11.32
N GLY A 76 13.47 -5.98 -10.20
CA GLY A 76 12.77 -4.70 -10.03
C GLY A 76 11.31 -4.90 -9.72
N MET A 77 10.74 -5.99 -10.23
CA MET A 77 9.32 -6.32 -10.11
C MET A 77 9.20 -7.81 -9.74
N GLU A 78 8.34 -8.16 -8.79
CA GLU A 78 8.30 -9.53 -8.34
CA GLU A 78 8.23 -9.54 -8.34
C GLU A 78 7.94 -10.51 -9.48
N ILE A 79 7.04 -10.10 -10.38
CA ILE A 79 6.68 -10.97 -11.48
C ILE A 79 7.85 -11.28 -12.45
N TRP A 80 8.88 -10.43 -12.43
CA TRP A 80 10.08 -10.65 -13.25
C TRP A 80 11.05 -11.62 -12.61
N ASN A 81 10.88 -11.88 -11.31
CA ASN A 81 11.87 -12.66 -10.53
C ASN A 81 11.54 -14.14 -10.57
N SER A 82 11.57 -14.71 -11.75
CA SER A 82 11.27 -16.12 -11.95
C SER A 82 11.68 -16.54 -13.35
N ASN A 83 11.75 -17.83 -13.62
CA ASN A 83 11.90 -18.31 -14.98
C ASN A 83 10.67 -17.87 -15.77
N HIS A 84 10.81 -17.86 -17.09
CA HIS A 84 9.74 -17.44 -17.97
C HIS A 84 9.72 -18.25 -19.24
N THR A 85 8.58 -18.18 -19.94
CA THR A 85 8.44 -18.75 -21.26
C THR A 85 8.26 -17.59 -22.27
N PRO A 86 8.25 -17.93 -23.57
CA PRO A 86 7.91 -16.83 -24.51
C PRO A 86 6.56 -16.22 -24.30
N LYS A 87 5.61 -17.00 -23.79
CA LYS A 87 4.29 -16.50 -23.47
C LYS A 87 4.35 -15.58 -22.28
N THR A 88 4.96 -16.00 -21.17
CA THR A 88 4.96 -15.13 -20.02
C THR A 88 5.87 -13.91 -20.14
N TRP A 89 6.97 -14.05 -20.88
CA TRP A 89 7.75 -12.92 -21.34
C TRP A 89 6.86 -11.83 -21.94
N MET A 90 6.05 -12.22 -22.92
CA MET A 90 5.12 -11.28 -23.57
CA MET A 90 5.16 -11.28 -23.58
C MET A 90 4.11 -10.73 -22.59
N GLN A 91 3.49 -11.60 -21.81
CA GLN A 91 2.40 -11.20 -20.92
C GLN A 91 2.86 -10.19 -19.86
N PHE A 92 4.06 -10.38 -19.32
CA PHE A 92 4.52 -9.61 -18.19
C PHE A 92 5.64 -8.65 -18.51
N SER A 93 5.91 -8.51 -19.81
CA SER A 93 6.93 -7.60 -20.33
C SER A 93 8.23 -7.76 -19.52
N VAL A 94 8.76 -8.98 -19.57
CA VAL A 94 9.95 -9.28 -18.80
C VAL A 94 11.20 -8.72 -19.48
N VAL A 95 11.64 -7.55 -19.06
CA VAL A 95 12.67 -6.77 -19.73
C VAL A 95 13.96 -7.57 -19.79
N TRP A 96 14.29 -8.34 -18.77
CA TRP A 96 15.57 -9.06 -18.82
C TRP A 96 15.60 -10.14 -19.88
N VAL A 97 14.45 -10.72 -20.22
CA VAL A 97 14.33 -11.68 -21.30
C VAL A 97 14.55 -10.94 -22.61
N SER A 98 13.91 -9.78 -22.76
CA SER A 98 14.12 -9.00 -23.98
C SER A 98 15.60 -8.70 -24.19
N GLN A 99 16.30 -8.38 -23.11
CA GLN A 99 17.73 -8.04 -23.19
C GLN A 99 18.60 -9.28 -23.44
N GLU A 100 18.17 -10.44 -22.97
CA GLU A 100 18.84 -11.70 -23.29
C GLU A 100 18.72 -11.93 -24.78
N ILE A 101 17.54 -11.63 -25.33
CA ILE A 101 17.29 -11.85 -26.72
C ILE A 101 18.08 -10.88 -27.60
N THR A 102 18.12 -9.62 -27.25
CA THR A 102 18.87 -8.69 -28.09
C THR A 102 20.37 -9.01 -28.10
N GLN A 103 20.88 -9.42 -26.96
CA GLN A 103 22.31 -9.75 -26.85
C GLN A 103 22.64 -10.96 -27.71
N LYS A 104 21.71 -11.88 -27.82
CA LYS A 104 21.89 -13.05 -28.64
C LYS A 104 21.83 -12.72 -30.12
N ILE A 105 20.84 -11.96 -30.54
CA ILE A 105 20.76 -11.56 -31.97
C ILE A 105 21.91 -10.66 -32.38
N GLY A 106 22.20 -9.65 -31.59
CA GLY A 106 23.30 -8.76 -31.89
C GLY A 106 22.86 -7.55 -32.69
N LEU A 107 23.60 -6.45 -32.53
CA LEU A 107 23.21 -5.18 -33.01
C LEU A 107 22.93 -5.12 -34.50
N ASN A 108 23.88 -5.50 -35.34
CA ASN A 108 23.68 -5.38 -36.74
C ASN A 108 22.51 -6.17 -37.29
N LYS A 109 22.30 -7.37 -36.78
CA LYS A 109 21.16 -8.16 -37.17
C LYS A 109 19.82 -7.50 -36.71
N ILE A 110 19.81 -6.94 -35.51
CA ILE A 110 18.60 -6.17 -35.06
C ILE A 110 18.39 -5.02 -36.05
N LYS A 111 19.42 -4.27 -36.40
CA LYS A 111 19.26 -3.18 -37.33
C LYS A 111 18.72 -3.64 -38.64
N ASN A 112 19.15 -4.82 -39.09
CA ASN A 112 18.65 -5.32 -40.34
C ASN A 112 17.14 -5.67 -40.28
N TYR A 113 16.75 -6.28 -39.15
CA TYR A 113 15.32 -6.52 -38.90
C TYR A 113 14.53 -5.20 -38.84
N LEU A 114 15.07 -4.18 -38.22
CA LEU A 114 14.39 -2.90 -38.11
C LEU A 114 14.17 -2.29 -39.49
N LYS A 115 15.12 -2.51 -40.41
CA LYS A 115 15.04 -1.98 -41.73
C LYS A 115 13.97 -2.78 -42.53
N ASP A 116 13.99 -4.08 -42.38
CA ASP A 116 12.99 -4.96 -42.99
C ASP A 116 11.60 -4.69 -42.47
N PHE A 117 11.51 -4.31 -41.22
CA PHE A 117 10.19 -4.00 -40.61
C PHE A 117 9.78 -2.52 -40.85
N ASP A 118 10.69 -1.69 -41.37
CA ASP A 118 10.46 -0.26 -41.62
C ASP A 118 10.01 0.41 -40.31
N TYR A 119 10.71 0.11 -39.23
CA TYR A 119 10.21 0.34 -37.87
C TYR A 119 10.64 1.67 -37.30
N GLY A 120 9.74 2.66 -37.28
CA GLY A 120 9.98 3.93 -36.61
C GLY A 120 11.19 4.67 -37.18
N ASN A 121 11.95 5.32 -36.32
CA ASN A 121 13.17 6.03 -36.70
C ASN A 121 14.37 5.11 -36.84
N GLN A 122 14.19 3.84 -36.53
CA GLN A 122 15.26 2.84 -36.62
C GLN A 122 16.54 3.23 -35.89
N ASP A 123 16.41 4.00 -34.84
CA ASP A 123 17.58 4.53 -34.12
C ASP A 123 17.86 3.65 -32.93
N PHE A 124 18.80 2.73 -33.06
CA PHE A 124 19.15 1.79 -32.00
C PHE A 124 20.48 2.15 -31.28
N SER A 125 20.75 3.45 -31.26
CA SER A 125 22.01 3.92 -30.68
C SER A 125 22.02 3.97 -29.15
N GLY A 126 20.85 4.00 -28.50
CA GLY A 126 20.80 4.08 -27.06
C GLY A 126 20.99 5.48 -26.51
N ASP A 127 21.37 5.57 -25.25
CA ASP A 127 21.46 6.86 -24.58
C ASP A 127 22.75 7.53 -24.97
N LYS A 128 22.74 8.85 -25.06
CA LYS A 128 23.95 9.60 -25.40
C LYS A 128 25.07 9.25 -24.43
N GLU A 129 26.19 8.77 -24.97
CA GLU A 129 27.44 8.62 -24.22
C GLU A 129 27.48 7.39 -23.31
N ARG A 130 26.55 6.46 -23.50
CA ARG A 130 26.46 5.30 -22.60
C ARG A 130 26.70 3.95 -23.29
N ASN A 131 26.76 3.96 -24.62
CA ASN A 131 26.83 2.74 -25.42
C ASN A 131 25.98 1.56 -24.90
N ASN A 132 24.70 1.83 -24.64
CA ASN A 132 23.81 0.84 -24.03
C ASN A 132 22.64 0.52 -24.95
N GLY A 133 22.81 0.81 -26.23
CA GLY A 133 21.70 0.67 -27.17
C GLY A 133 21.22 -0.77 -27.27
N LEU A 134 22.14 -1.73 -27.24
CA LEU A 134 21.79 -3.12 -27.45
C LEU A 134 20.77 -3.59 -26.44
N THR A 135 20.85 -3.07 -25.21
CA THR A 135 19.93 -3.47 -24.16
C THR A 135 18.96 -2.40 -23.64
N GLU A 136 19.02 -1.17 -24.16
CA GLU A 136 18.16 -0.09 -23.68
C GLU A 136 17.49 0.72 -24.79
N ALA A 137 17.85 0.54 -26.06
CA ALA A 137 17.45 1.54 -27.05
C ALA A 137 15.94 1.76 -27.17
N TRP A 138 15.18 0.69 -26.94
CA TRP A 138 13.71 0.75 -27.05
C TRP A 138 13.00 1.24 -25.79
N LEU A 139 13.75 1.47 -24.70
CA LEU A 139 13.19 1.80 -23.41
C LEU A 139 13.45 3.27 -23.09
N GLU A 140 12.55 4.15 -23.52
CA GLU A 140 12.66 5.57 -23.28
C GLU A 140 14.04 6.08 -23.65
N SER A 141 14.44 5.80 -24.88
CA SER A 141 15.78 6.09 -25.34
C SER A 141 15.69 6.51 -26.81
N SER A 142 16.56 6.01 -27.64
CA SER A 142 16.74 6.54 -28.99
C SER A 142 15.65 6.12 -29.98
N LEU A 143 15.14 4.91 -29.81
CA LEU A 143 14.19 4.32 -30.79
C LEU A 143 12.80 4.90 -30.53
N LYS A 144 12.20 5.42 -31.58
CA LYS A 144 10.86 6.01 -31.49
C LYS A 144 10.00 5.55 -32.65
N ILE A 145 8.69 5.56 -32.44
CA ILE A 145 7.71 5.13 -33.42
C ILE A 145 6.38 5.76 -33.06
N SER A 146 5.58 6.14 -34.02
CA SER A 146 4.31 6.78 -33.78
C SER A 146 3.20 5.75 -33.66
N PRO A 147 2.07 6.17 -33.04
CA PRO A 147 0.93 5.27 -33.05
C PRO A 147 0.52 4.87 -34.48
N GLU A 148 0.48 5.81 -35.42
CA GLU A 148 0.11 5.43 -36.78
CA GLU A 148 0.16 5.53 -36.81
C GLU A 148 1.07 4.43 -37.37
N GLU A 149 2.35 4.55 -37.10
CA GLU A 149 3.32 3.59 -37.56
C GLU A 149 3.14 2.22 -36.92
N GLN A 150 2.79 2.22 -35.62
CA GLN A 150 2.52 0.97 -34.92
C GLN A 150 1.32 0.28 -35.52
N ILE A 151 0.26 1.04 -35.87
CA ILE A 151 -0.85 0.42 -36.58
C ILE A 151 -0.38 -0.34 -37.82
N GLN A 152 0.42 0.33 -38.64
CA GLN A 152 0.81 -0.31 -39.91
C GLN A 152 1.80 -1.46 -39.73
N PHE A 153 2.59 -1.41 -38.66
CA PHE A 153 3.45 -2.53 -38.31
C PHE A 153 2.58 -3.68 -37.93
N LEU A 154 1.59 -3.42 -37.05
CA LEU A 154 0.69 -4.51 -36.65
C LEU A 154 -0.07 -5.12 -37.84
N ARG A 155 -0.50 -4.25 -38.73
CA ARG A 155 -1.17 -4.70 -39.95
CA ARG A 155 -1.19 -4.74 -39.89
C ARG A 155 -0.30 -5.61 -40.78
N LYS A 156 0.97 -5.25 -40.92
CA LYS A 156 1.93 -6.12 -41.64
C LYS A 156 2.05 -7.47 -40.99
N ILE A 157 2.08 -7.52 -39.67
CA ILE A 157 2.22 -8.74 -38.94
C ILE A 157 1.07 -9.66 -39.22
N ILE A 158 -0.15 -9.22 -38.97
CA ILE A 158 -1.28 -10.12 -39.13
C ILE A 158 -1.56 -10.50 -40.58
N ASN A 159 -1.16 -9.63 -41.50
CA ASN A 159 -1.24 -9.93 -42.94
C ASN A 159 -0.02 -10.66 -43.51
N HIS A 160 0.98 -11.00 -42.69
CA HIS A 160 2.17 -11.73 -43.13
C HIS A 160 2.94 -10.99 -44.20
N ASN A 161 2.91 -9.70 -44.11
CA ASN A 161 3.64 -8.85 -45.03
CA ASN A 161 3.61 -8.83 -45.02
C ASN A 161 4.93 -8.36 -44.39
N LEU A 162 5.68 -9.32 -43.83
CA LEU A 162 7.06 -9.11 -43.35
C LEU A 162 7.91 -10.29 -43.78
N PRO A 163 9.22 -10.07 -44.00
CA PRO A 163 10.07 -11.14 -44.50
C PRO A 163 10.62 -11.98 -43.36
N VAL A 164 9.70 -12.55 -42.58
CA VAL A 164 10.02 -13.51 -41.53
C VAL A 164 9.16 -14.78 -41.67
N LYS A 165 9.58 -15.83 -40.99
CA LYS A 165 8.81 -17.07 -40.96
C LYS A 165 7.37 -16.80 -40.61
N ASN A 166 6.47 -17.48 -41.29
CA ASN A 166 5.04 -17.40 -40.99
C ASN A 166 4.75 -17.86 -39.56
N SER A 167 5.48 -18.87 -39.09
CA SER A 167 5.31 -19.35 -37.74
C SER A 167 5.75 -18.29 -36.70
N ALA A 168 6.83 -17.59 -36.99
CA ALA A 168 7.29 -16.50 -36.14
C ALA A 168 6.17 -15.48 -35.90
N ILE A 169 5.48 -15.10 -36.95
CA ILE A 169 4.28 -14.26 -36.82
C ILE A 169 3.19 -14.90 -35.97
N GLU A 170 2.78 -16.11 -36.29
CA GLU A 170 1.64 -16.65 -35.57
C GLU A 170 1.98 -17.08 -34.15
N ASN A 171 3.22 -17.49 -33.87
CA ASN A 171 3.58 -17.74 -32.48
C ASN A 171 3.55 -16.44 -31.65
N THR A 172 3.97 -15.35 -32.26
CA THR A 172 4.01 -14.06 -31.54
C THR A 172 2.58 -13.58 -31.28
N ILE A 173 1.70 -13.69 -32.26
CA ILE A 173 0.31 -13.34 -32.10
C ILE A 173 -0.33 -14.19 -31.03
N GLU A 174 -0.08 -15.49 -31.08
CA GLU A 174 -0.65 -16.37 -30.08
C GLU A 174 -0.27 -15.92 -28.68
N ASN A 175 1.00 -15.61 -28.51
CA ASN A 175 1.54 -15.21 -27.22
C ASN A 175 1.07 -13.86 -26.70
N MET A 176 0.41 -13.10 -27.56
CA MET A 176 -0.28 -11.84 -27.20
C MET A 176 -1.73 -12.04 -26.75
N TYR A 177 -2.28 -13.23 -26.97
CA TYR A 177 -3.68 -13.39 -26.62
C TYR A 177 -3.87 -13.05 -25.16
N LEU A 178 -4.92 -12.30 -24.86
CA LEU A 178 -5.24 -11.91 -23.48
C LEU A 178 -6.56 -12.47 -23.00
N GLN A 179 -7.61 -12.27 -23.76
CA GLN A 179 -8.98 -12.53 -23.30
C GLN A 179 -9.93 -12.36 -24.45
N ASP A 180 -11.20 -12.69 -24.25
CA ASP A 180 -12.27 -12.25 -25.10
C ASP A 180 -12.97 -11.03 -24.50
N LEU A 181 -13.53 -10.17 -25.32
CA LEU A 181 -14.26 -8.99 -24.89
C LEU A 181 -15.71 -9.38 -24.76
N ASP A 182 -16.56 -8.39 -24.51
CA ASP A 182 -17.92 -8.64 -24.05
C ASP A 182 -18.72 -9.29 -25.16
N ASN A 183 -18.48 -8.88 -26.40
CA ASN A 183 -19.24 -9.52 -27.51
C ASN A 183 -18.44 -10.64 -28.16
N SER A 184 -17.61 -11.29 -27.34
CA SER A 184 -16.80 -12.44 -27.78
C SER A 184 -15.64 -12.12 -28.72
N THR A 185 -15.54 -10.90 -29.26
CA THR A 185 -14.36 -10.51 -30.03
CA THR A 185 -14.34 -10.58 -30.06
C THR A 185 -13.17 -10.92 -29.19
N LYS A 186 -12.07 -11.28 -29.82
CA LYS A 186 -10.89 -11.79 -29.13
C LYS A 186 -9.80 -10.74 -29.13
N LEU A 187 -9.20 -10.51 -27.99
CA LEU A 187 -8.19 -9.48 -27.80
C LEU A 187 -6.80 -10.08 -27.66
N TYR A 188 -5.88 -9.58 -28.49
CA TYR A 188 -4.49 -9.95 -28.45
C TYR A 188 -3.76 -8.64 -28.27
N GLY A 189 -3.05 -8.45 -27.17
CA GLY A 189 -2.51 -7.15 -26.92
C GLY A 189 -1.19 -7.14 -26.19
N LYS A 190 -0.62 -5.96 -26.06
CA LYS A 190 0.69 -5.77 -25.45
C LYS A 190 0.77 -4.35 -24.92
N THR A 191 1.19 -4.25 -23.67
CA THR A 191 1.43 -2.98 -23.02
C THR A 191 2.89 -2.57 -23.14
N GLY A 192 3.11 -1.28 -22.91
CA GLY A 192 4.44 -0.72 -22.65
C GLY A 192 4.32 0.60 -21.95
N ALA A 193 5.30 0.96 -21.14
CA ALA A 193 5.23 2.21 -20.42
C ALA A 193 6.61 2.59 -19.96
N GLY A 194 6.79 3.86 -19.69
CA GLY A 194 8.01 4.38 -19.14
C GLY A 194 7.88 5.83 -18.81
N PHE A 195 8.89 6.38 -18.14
CA PHE A 195 8.99 7.80 -17.93
C PHE A 195 9.79 8.39 -19.06
N THR A 196 9.45 9.55 -19.49
CA THR A 196 10.24 10.32 -20.44
C THR A 196 11.60 10.67 -19.83
N ALA A 197 12.67 10.43 -20.55
CA ALA A 197 14.00 10.69 -20.06
C ALA A 197 14.11 12.12 -19.60
N ASN A 198 14.65 12.32 -18.40
CA ASN A 198 14.96 13.65 -17.90
C ASN A 198 13.72 14.49 -17.56
N ARG A 199 12.55 13.86 -17.48
CA ARG A 199 11.31 14.55 -17.20
C ARG A 199 10.42 13.71 -16.26
N THR A 200 9.30 14.28 -15.81
CA THR A 200 8.40 13.57 -14.93
C THR A 200 7.25 12.86 -15.65
N LEU A 201 7.08 13.19 -16.92
CA LEU A 201 6.03 12.59 -17.75
C LEU A 201 6.16 11.07 -17.92
N GLN A 202 5.00 10.44 -17.98
CA GLN A 202 4.84 9.00 -18.27
C GLN A 202 4.29 8.87 -19.69
N ASN A 203 4.66 7.78 -20.34
CA ASN A 203 4.13 7.36 -21.65
C ASN A 203 3.61 5.96 -21.51
N GLY A 204 2.46 5.69 -22.12
CA GLY A 204 1.91 4.37 -22.08
C GLY A 204 1.35 3.96 -23.43
N TRP A 205 1.37 2.66 -23.64
CA TRP A 205 0.80 2.02 -24.82
C TRP A 205 -0.03 0.82 -24.43
N PHE A 206 -1.06 0.53 -25.22
CA PHE A 206 -1.63 -0.78 -25.28
C PHE A 206 -2.05 -0.95 -26.73
N GLU A 207 -1.65 -2.04 -27.38
CA GLU A 207 -1.88 -2.20 -28.81
C GLU A 207 -1.97 -3.66 -29.14
N GLY A 208 -2.51 -3.94 -30.34
CA GLY A 208 -2.65 -5.29 -30.77
C GLY A 208 -3.72 -5.52 -31.80
N PHE A 209 -4.35 -6.66 -31.66
CA PHE A 209 -5.25 -7.22 -32.66
C PHE A 209 -6.57 -7.55 -32.02
N ILE A 210 -7.64 -7.37 -32.78
CA ILE A 210 -8.96 -7.90 -32.42
C ILE A 210 -9.48 -8.82 -33.50
N ILE A 211 -9.94 -10.01 -33.13
CA ILE A 211 -10.55 -10.92 -34.09
C ILE A 211 -12.02 -11.10 -33.71
N SER A 212 -12.93 -10.63 -34.57
CA SER A 212 -14.35 -10.67 -34.29
C SER A 212 -14.99 -11.95 -34.79
N LYS A 213 -16.03 -12.38 -34.08
CA LYS A 213 -16.84 -13.48 -34.58
C LYS A 213 -17.55 -13.10 -35.90
N SER A 214 -17.69 -11.80 -36.18
CA SER A 214 -18.16 -11.31 -37.48
C SER A 214 -17.31 -11.79 -38.64
N GLY A 215 -16.06 -12.16 -38.36
CA GLY A 215 -15.09 -12.52 -39.35
C GLY A 215 -13.97 -11.50 -39.45
N HIS A 216 -14.26 -10.23 -39.21
CA HIS A 216 -13.33 -9.10 -39.36
CA HIS A 216 -13.21 -9.27 -39.47
C HIS A 216 -12.17 -9.20 -38.38
N LYS A 217 -10.98 -8.81 -38.82
CA LYS A 217 -9.84 -8.58 -37.97
C LYS A 217 -9.40 -7.16 -38.01
N TYR A 218 -8.93 -6.68 -36.86
CA TYR A 218 -8.54 -5.28 -36.71
C TYR A 218 -7.20 -5.18 -35.96
N VAL A 219 -6.57 -4.04 -36.15
CA VAL A 219 -5.42 -3.64 -35.36
C VAL A 219 -5.78 -2.36 -34.64
N PHE A 220 -5.26 -2.20 -33.43
CA PHE A 220 -5.51 -0.99 -32.65
C PHE A 220 -4.32 -0.54 -31.88
N VAL A 221 -4.32 0.74 -31.55
CA VAL A 221 -3.33 1.34 -30.70
C VAL A 221 -3.98 2.40 -29.79
N SER A 222 -3.73 2.25 -28.48
CA SER A 222 -4.10 3.21 -27.44
C SER A 222 -2.81 3.72 -26.84
N ALA A 223 -2.55 5.02 -26.85
CA ALA A 223 -1.30 5.57 -26.35
C ALA A 223 -1.53 6.92 -25.68
N LEU A 224 -0.71 7.24 -24.71
CA LEU A 224 -0.88 8.52 -24.01
C LEU A 224 0.43 8.91 -23.42
N THR A 225 0.53 10.22 -23.14
CA THR A 225 1.63 10.83 -22.40
C THR A 225 1.05 11.81 -21.38
N GLY A 226 1.49 11.76 -20.15
CA GLY A 226 0.98 12.75 -19.20
C GLY A 226 1.70 12.67 -17.90
N ASN A 227 1.48 13.70 -17.09
CA ASN A 227 1.94 13.68 -15.70
C ASN A 227 0.92 12.95 -14.83
N LEU A 228 1.24 11.71 -14.49
CA LEU A 228 0.37 10.85 -13.72
C LEU A 228 1.02 10.51 -12.40
N GLY A 229 2.00 11.32 -12.00
CA GLY A 229 2.71 11.05 -10.76
C GLY A 229 3.84 10.09 -10.86
N SER A 230 4.23 9.47 -9.75
CA SER A 230 5.43 8.64 -9.67
C SER A 230 5.16 7.14 -9.77
N ASN A 231 3.89 6.78 -9.74
CA ASN A 231 3.43 5.42 -10.02
CA ASN A 231 3.47 5.41 -10.04
C ASN A 231 3.14 5.29 -11.52
N LEU A 232 3.81 4.37 -12.15
CA LEU A 232 3.72 4.17 -13.58
C LEU A 232 2.42 3.43 -13.96
N THR A 233 1.40 4.19 -14.30
CA THR A 233 0.09 3.67 -14.55
C THR A 233 -0.39 3.96 -15.97
N SER A 234 0.47 4.55 -16.77
CA SER A 234 0.10 4.98 -18.11
C SER A 234 -0.34 3.82 -19.06
N SER A 235 0.28 2.66 -18.93
CA SER A 235 -0.20 1.53 -19.73
C SER A 235 -1.42 0.86 -19.14
N ILE A 236 -1.58 0.92 -17.84
CA ILE A 236 -2.82 0.47 -17.21
C ILE A 236 -3.98 1.30 -17.79
N LYS A 237 -3.81 2.60 -17.79
CA LYS A 237 -4.81 3.52 -18.30
C LYS A 237 -5.02 3.28 -19.81
N ALA A 238 -3.94 3.23 -20.60
CA ALA A 238 -4.07 3.01 -22.06
C ALA A 238 -4.84 1.72 -22.35
N LYS A 239 -4.56 0.66 -21.57
CA LYS A 239 -5.25 -0.59 -21.72
C LYS A 239 -6.73 -0.46 -21.39
N LYS A 240 -6.99 0.02 -20.17
CA LYS A 240 -8.36 0.24 -19.71
C LYS A 240 -9.15 0.94 -20.79
N ASN A 241 -8.59 2.05 -21.26
CA ASN A 241 -9.28 2.89 -22.21
C ASN A 241 -9.59 2.11 -23.51
N ALA A 242 -8.59 1.38 -23.99
CA ALA A 242 -8.80 0.60 -25.20
C ALA A 242 -9.95 -0.38 -25.03
N ILE A 243 -9.95 -1.12 -23.91
CA ILE A 243 -10.98 -2.12 -23.71
C ILE A 243 -12.37 -1.45 -23.63
N THR A 244 -12.44 -0.35 -22.89
CA THR A 244 -13.71 0.35 -22.78
C THR A 244 -14.18 0.75 -24.17
N ILE A 245 -13.30 1.35 -24.96
CA ILE A 245 -13.68 1.84 -26.28
C ILE A 245 -14.07 0.70 -27.26
N LEU A 246 -13.30 -0.39 -27.22
CA LEU A 246 -13.58 -1.53 -28.09
C LEU A 246 -14.92 -2.17 -27.75
N ASN A 247 -15.23 -2.26 -26.45
CA ASN A 247 -16.53 -2.82 -26.09
C ASN A 247 -17.71 -1.94 -26.50
N THR A 248 -17.54 -0.65 -26.69
CA THR A 248 -18.67 0.17 -27.18
C THR A 248 -18.97 -0.07 -28.66
N LEU A 249 -18.06 -0.70 -29.40
CA LEU A 249 -18.18 -0.82 -30.87
C LEU A 249 -18.75 -2.15 -31.36
N ASN A 250 -19.32 -2.16 -32.57
CA ASN A 250 -19.81 -3.40 -33.20
C ASN A 250 -18.85 -3.87 -34.32
N LEU A 251 -17.98 -4.81 -33.97
CA LEU A 251 -16.85 -5.14 -34.84
C LEU A 251 -17.01 -6.53 -35.46
N SER B 1 21.31 -3.80 5.33
CA SER B 1 22.23 -2.63 5.20
C SER B 1 23.61 -3.10 4.82
N THR B 2 24.06 -2.74 3.63
CA THR B 2 25.49 -2.64 3.42
C THR B 2 25.93 -1.39 4.14
N ASP B 3 26.84 -1.57 5.08
CA ASP B 3 27.70 -0.50 5.52
C ASP B 3 28.49 -0.01 4.30
N ILE B 4 28.27 1.23 3.91
CA ILE B 4 28.99 1.83 2.78
C ILE B 4 30.05 2.84 3.23
N SER B 5 30.60 2.61 4.44
CA SER B 5 31.62 3.51 5.02
C SER B 5 32.85 3.67 4.12
N THR B 6 33.20 2.62 3.37
CA THR B 6 34.36 2.66 2.49
C THR B 6 34.24 3.81 1.50
N VAL B 7 33.08 3.89 0.84
CA VAL B 7 32.79 4.91 -0.17
C VAL B 7 32.47 6.25 0.50
N ALA B 8 31.65 6.22 1.54
CA ALA B 8 31.09 7.45 2.12
C ALA B 8 32.03 8.19 3.06
N SER B 9 32.86 7.47 3.83
CA SER B 9 33.76 8.13 4.76
C SER B 9 34.55 9.30 4.19
N PRO B 10 35.33 9.06 3.11
CA PRO B 10 36.13 10.14 2.53
C PRO B 10 35.26 11.31 2.03
N LEU B 11 34.02 11.02 1.64
CA LEU B 11 33.10 12.07 1.17
C LEU B 11 32.65 13.01 2.29
N PHE B 12 32.57 12.50 3.52
CA PHE B 12 32.09 13.27 4.65
C PHE B 12 33.21 13.70 5.59
N GLU B 13 34.44 13.33 5.26
CA GLU B 13 35.60 13.68 6.08
C GLU B 13 35.66 15.19 6.31
N GLY B 14 35.81 15.59 7.68
CA GLY B 14 35.83 16.94 8.20
C GLY B 14 34.45 17.38 8.65
N THR B 15 33.49 16.47 8.49
CA THR B 15 32.15 16.65 9.04
C THR B 15 31.66 15.40 9.77
N GLU B 16 30.60 15.56 10.55
CA GLU B 16 29.82 14.41 10.96
C GLU B 16 28.69 14.22 9.97
N GLY B 17 28.81 13.15 9.21
CA GLY B 17 28.01 12.92 7.99
C GLY B 17 27.28 11.60 8.11
N CYS B 18 26.25 11.41 7.31
CA CYS B 18 25.51 10.15 7.31
C CYS B 18 24.75 10.00 6.02
N PHE B 19 24.33 8.78 5.75
CA PHE B 19 23.60 8.46 4.53
C PHE B 19 22.74 7.25 4.82
N LEU B 20 21.47 7.30 4.42
CA LEU B 20 20.59 6.16 4.45
C LEU B 20 19.91 6.01 3.11
N LEU B 21 19.71 4.76 2.71
CA LEU B 21 18.90 4.43 1.56
C LEU B 21 18.04 3.24 1.93
N TYR B 22 16.74 3.38 1.79
CA TYR B 22 15.79 2.33 2.13
C TYR B 22 14.91 1.99 0.93
N ASP B 23 14.53 0.74 0.82
CA ASP B 23 13.41 0.34 -0.02
C ASP B 23 12.11 0.96 0.45
N ALA B 24 11.40 1.66 -0.44
CA ALA B 24 10.23 2.39 -0.07
C ALA B 24 9.14 1.46 0.42
N SER B 25 8.84 0.36 -0.32
CA SER B 25 7.71 -0.47 0.08
C SER B 25 8.02 -1.33 1.31
N THR B 26 9.20 -1.91 1.39
CA THR B 26 9.47 -2.92 2.43
C THR B 26 10.11 -2.37 3.67
N ASN B 27 10.68 -1.17 3.59
CA ASN B 27 11.49 -0.63 4.69
C ASN B 27 12.82 -1.37 4.90
N ALA B 28 13.28 -2.12 3.91
CA ALA B 28 14.58 -2.74 3.97
C ALA B 28 15.65 -1.65 3.88
N GLU B 29 16.64 -1.72 4.75
CA GLU B 29 17.81 -0.85 4.68
C GLU B 29 18.74 -1.39 3.63
N ILE B 30 18.97 -0.61 2.57
CA ILE B 30 19.87 -0.98 1.50
C ILE B 30 21.29 -0.48 1.75
N ALA B 31 21.45 0.74 2.27
CA ALA B 31 22.78 1.31 2.46
C ALA B 31 22.74 2.24 3.65
N GLN B 32 23.80 2.24 4.44
CA GLN B 32 23.87 3.13 5.58
C GLN B 32 25.32 3.53 5.84
N PHE B 33 25.46 4.76 6.29
CA PHE B 33 26.71 5.27 6.86
C PHE B 33 26.42 6.12 8.10
N ASN B 34 27.02 5.73 9.23
CA ASN B 34 27.03 6.51 10.44
C ASN B 34 25.68 6.56 11.09
N LYS B 35 25.25 5.38 11.57
CA LYS B 35 23.97 5.27 12.25
C LYS B 35 23.78 6.16 13.47
N ALA B 36 24.83 6.46 14.22
CA ALA B 36 24.66 7.39 15.33
C ALA B 36 24.21 8.78 14.86
N LYS B 37 24.84 9.28 13.80
CA LYS B 37 24.47 10.61 13.28
C LYS B 37 23.09 10.57 12.62
N CYS B 38 22.75 9.40 12.06
CA CYS B 38 21.37 9.22 11.55
C CYS B 38 20.30 9.39 12.58
N ALA B 39 20.61 9.11 13.85
CA ALA B 39 19.63 9.19 14.90
C ALA B 39 19.53 10.57 15.58
N THR B 40 20.41 11.51 15.20
CA THR B 40 20.45 12.80 15.83
C THR B 40 19.50 13.80 15.18
N GLN B 41 18.57 14.34 15.96
CA GLN B 41 17.66 15.34 15.44
C GLN B 41 18.38 16.66 15.21
N MET B 42 18.07 17.30 14.08
CA MET B 42 18.51 18.67 13.85
C MET B 42 17.44 19.40 13.03
N ALA B 43 17.60 20.70 12.88
CA ALA B 43 16.60 21.48 12.18
C ALA B 43 16.47 20.95 10.73
N PRO B 44 15.23 20.86 10.26
CA PRO B 44 15.06 20.36 8.86
C PRO B 44 15.42 21.41 7.81
N ASP B 45 15.46 22.67 8.22
CA ASP B 45 15.70 23.80 7.33
C ASP B 45 14.78 23.59 6.13
N SER B 46 15.28 23.87 4.92
CA SER B 46 14.39 23.94 3.76
C SER B 46 13.80 22.61 3.38
N THR B 47 14.26 21.50 3.99
CA THR B 47 13.60 20.21 3.74
C THR B 47 12.19 20.20 4.33
N PHE B 48 11.91 21.12 5.24
CA PHE B 48 10.55 21.25 5.74
C PHE B 48 9.56 21.66 4.66
N ASP B 49 10.07 22.20 3.55
CA ASP B 49 9.17 22.57 2.43
C ASP B 49 8.44 21.36 1.86
N ILE B 50 8.99 20.16 2.04
CA ILE B 50 8.30 18.96 1.60
C ILE B 50 7.00 18.83 2.42
N ALA B 51 7.10 18.95 3.75
CA ALA B 51 5.93 18.94 4.61
C ALA B 51 4.97 20.05 4.34
N LEU B 52 5.47 21.27 4.16
CA LEU B 52 4.63 22.39 3.87
C LEU B 52 3.86 22.23 2.57
N SER B 53 4.49 21.65 1.55
CA SER B 53 3.85 21.45 0.29
C SER B 53 2.67 20.50 0.45
N LEU B 54 2.88 19.42 1.20
CA LEU B 54 1.78 18.48 1.49
C LEU B 54 0.64 19.17 2.19
N MET B 55 0.97 19.96 3.20
CA MET B 55 -0.06 20.68 3.92
C MET B 55 -0.86 21.64 3.04
N ALA B 56 -0.15 22.41 2.24
CA ALA B 56 -0.75 23.44 1.43
C ALA B 56 -1.66 22.88 0.33
N PHE B 57 -1.20 21.87 -0.37
CA PHE B 57 -2.05 21.18 -1.34
C PHE B 57 -3.21 20.50 -0.62
N ASP B 58 -2.94 19.84 0.52
CA ASP B 58 -4.03 19.16 1.23
C ASP B 58 -5.10 20.11 1.71
N ALA B 59 -4.71 21.29 2.17
CA ALA B 59 -5.66 22.27 2.68
C ALA B 59 -6.32 23.10 1.57
N GLU B 60 -5.93 22.83 0.32
CA GLU B 60 -6.46 23.46 -0.89
C GLU B 60 -6.24 24.95 -0.91
N ILE B 61 -5.11 25.38 -0.38
CA ILE B 61 -4.78 26.77 -0.44
C ILE B 61 -3.85 27.07 -1.63
N ILE B 62 -3.33 26.02 -2.24
CA ILE B 62 -2.57 26.12 -3.49
C ILE B 62 -3.07 25.04 -4.43
N ASP B 63 -2.85 25.11 -5.71
CA ASP B 63 -2.92 24.35 -6.95
CA ASP B 63 -2.91 24.39 -6.97
C ASP B 63 -1.54 24.43 -7.60
N GLN B 64 -1.27 23.54 -8.53
CA GLN B 64 -0.09 23.67 -9.35
C GLN B 64 -0.08 25.02 -10.14
N LYS B 65 -1.26 25.61 -10.36
CA LYS B 65 -1.38 26.87 -11.10
C LYS B 65 -1.19 28.10 -10.26
N THR B 66 -1.23 27.97 -8.94
CA THR B 66 -1.15 29.13 -8.10
C THR B 66 0.13 29.91 -8.35
N ILE B 67 0.02 31.24 -8.43
CA ILE B 67 1.15 32.13 -8.56
C ILE B 67 1.32 32.92 -7.28
N PHE B 68 2.41 32.67 -6.56
CA PHE B 68 2.80 33.49 -5.40
C PHE B 68 3.43 34.80 -5.89
N LYS B 69 2.84 35.90 -5.45
CA LYS B 69 3.19 37.22 -5.97
C LYS B 69 4.31 37.81 -5.14
N TRP B 70 5.48 37.95 -5.75
CA TRP B 70 6.62 38.62 -5.14
C TRP B 70 6.23 40.03 -4.77
N ASP B 71 6.59 40.43 -3.55
CA ASP B 71 6.26 41.80 -3.08
C ASP B 71 7.23 42.89 -3.58
N LYS B 72 8.06 42.56 -4.56
CA LYS B 72 8.93 43.51 -5.24
C LYS B 72 9.94 44.14 -4.29
N THR B 73 10.19 43.49 -3.16
CA THR B 73 11.31 43.89 -2.30
C THR B 73 12.43 42.87 -2.39
N PRO B 74 13.68 43.33 -2.27
CA PRO B 74 14.79 42.43 -2.50
C PRO B 74 14.90 41.32 -1.44
N LYS B 75 15.00 40.10 -1.92
CA LYS B 75 15.07 38.91 -1.04
C LYS B 75 16.46 38.33 -0.95
N GLY B 76 17.40 38.89 -1.70
CA GLY B 76 18.82 38.59 -1.59
C GLY B 76 19.36 37.60 -2.60
N MET B 77 18.46 37.03 -3.41
CA MET B 77 18.88 36.15 -4.51
CA MET B 77 18.83 36.13 -4.48
C MET B 77 17.96 36.47 -5.66
N GLU B 78 18.49 36.53 -6.88
CA GLU B 78 17.70 36.98 -8.02
C GLU B 78 16.55 36.02 -8.30
N ILE B 79 16.77 34.73 -8.06
CA ILE B 79 15.70 33.79 -8.36
C ILE B 79 14.56 33.92 -7.32
N TRP B 80 14.82 34.48 -6.14
CA TRP B 80 13.79 34.73 -5.15
C TRP B 80 13.02 36.02 -5.42
N ASN B 81 13.58 36.85 -6.32
CA ASN B 81 12.99 38.13 -6.67
C ASN B 81 12.11 37.97 -7.90
N SER B 82 11.03 37.23 -7.71
CA SER B 82 10.24 36.70 -8.82
C SER B 82 8.97 36.11 -8.26
N ASN B 83 7.87 36.20 -8.99
CA ASN B 83 6.71 35.37 -8.70
C ASN B 83 7.16 33.94 -8.82
N HIS B 84 6.41 33.03 -8.16
CA HIS B 84 6.72 31.63 -8.16
C HIS B 84 5.44 30.83 -8.25
N THR B 85 5.56 29.58 -8.68
CA THR B 85 4.50 28.57 -8.58
C THR B 85 4.93 27.59 -7.50
N PRO B 86 4.09 26.61 -7.19
CA PRO B 86 4.52 25.59 -6.23
C PRO B 86 5.72 24.80 -6.72
N LYS B 87 5.85 24.58 -8.04
CA LYS B 87 6.99 23.92 -8.59
C LYS B 87 8.27 24.73 -8.42
N THR B 88 8.27 25.99 -8.77
CA THR B 88 9.50 26.74 -8.68
C THR B 88 9.83 27.11 -7.24
N TRP B 89 8.83 27.23 -6.39
CA TRP B 89 9.06 27.29 -4.96
C TRP B 89 9.93 26.13 -4.46
N MET B 90 9.56 24.93 -4.86
CA MET B 90 10.26 23.74 -4.42
CA MET B 90 10.27 23.76 -4.41
C MET B 90 11.66 23.78 -5.01
N GLN B 91 11.76 24.02 -6.34
CA GLN B 91 13.04 23.91 -7.06
C GLN B 91 14.06 24.86 -6.47
N PHE B 92 13.63 26.07 -6.17
CA PHE B 92 14.52 27.13 -5.73
C PHE B 92 14.49 27.45 -4.24
N SER B 93 13.77 26.61 -3.46
CA SER B 93 13.72 26.76 -2.02
CA SER B 93 13.72 26.77 -2.03
C SER B 93 13.37 28.19 -1.59
N VAL B 94 12.25 28.70 -2.11
CA VAL B 94 11.93 30.08 -1.92
C VAL B 94 11.34 30.30 -0.55
N VAL B 95 12.18 30.77 0.35
CA VAL B 95 11.79 30.83 1.75
C VAL B 95 10.57 31.75 1.96
N TRP B 96 10.49 32.89 1.28
CA TRP B 96 9.34 33.75 1.51
C TRP B 96 8.01 33.12 1.13
N VAL B 97 8.05 32.21 0.14
CA VAL B 97 6.87 31.41 -0.19
C VAL B 97 6.49 30.45 0.94
N SER B 98 7.49 29.78 1.50
CA SER B 98 7.21 28.96 2.68
C SER B 98 6.55 29.77 3.79
N GLN B 99 7.04 30.99 4.00
CA GLN B 99 6.54 31.84 5.06
C GLN B 99 5.12 32.35 4.77
N GLU B 100 4.79 32.60 3.52
CA GLU B 100 3.43 32.96 3.16
CA GLU B 100 3.43 32.94 3.11
C GLU B 100 2.51 31.77 3.39
N ILE B 101 2.96 30.57 3.05
CA ILE B 101 2.17 29.36 3.26
C ILE B 101 1.90 29.11 4.74
N THR B 102 2.90 29.23 5.59
CA THR B 102 2.68 28.96 7.01
C THR B 102 1.73 29.96 7.60
N GLN B 103 1.83 31.23 7.20
CA GLN B 103 0.92 32.24 7.73
C GLN B 103 -0.51 32.01 7.29
N LYS B 104 -0.71 31.50 6.09
CA LYS B 104 -2.03 31.16 5.62
C LYS B 104 -2.63 29.95 6.35
N ILE B 105 -1.85 28.92 6.59
CA ILE B 105 -2.33 27.68 7.20
C ILE B 105 -2.62 27.95 8.68
N GLY B 106 -1.73 28.71 9.31
CA GLY B 106 -1.86 29.08 10.72
C GLY B 106 -1.23 28.06 11.65
N LEU B 107 -0.86 28.50 12.85
CA LEU B 107 -0.18 27.64 13.83
C LEU B 107 -0.98 26.39 14.21
N ASN B 108 -2.26 26.57 14.50
CA ASN B 108 -3.01 25.44 15.03
C ASN B 108 -3.11 24.31 14.03
N LYS B 109 -3.33 24.66 12.77
CA LYS B 109 -3.39 23.65 11.73
C LYS B 109 -2.01 23.04 11.38
N ILE B 110 -0.98 23.87 11.40
CA ILE B 110 0.37 23.32 11.28
C ILE B 110 0.65 22.27 12.34
N LYS B 111 0.35 22.60 13.58
N LYS B 111 0.35 22.61 13.58
CA LYS B 111 0.61 21.67 14.67
CA LYS B 111 0.60 21.70 14.70
C LYS B 111 -0.16 20.37 14.48
C LYS B 111 -0.16 20.40 14.50
N ASN B 112 -1.40 20.50 14.03
CA ASN B 112 -2.20 19.32 13.72
CA ASN B 112 -2.18 19.32 13.74
C ASN B 112 -1.58 18.45 12.62
N TYR B 113 -1.09 19.11 11.56
CA TYR B 113 -0.34 18.36 10.55
C TYR B 113 0.96 17.74 11.09
N LEU B 114 1.70 18.45 11.92
CA LEU B 114 2.94 17.85 12.46
C LEU B 114 2.65 16.59 13.30
N LYS B 115 1.53 16.62 14.01
CA LYS B 115 1.10 15.43 14.76
C LYS B 115 0.69 14.30 13.81
N ASP B 116 -0.14 14.64 12.83
CA ASP B 116 -0.59 13.67 11.81
C ASP B 116 0.61 13.06 11.08
N PHE B 117 1.65 13.87 10.82
CA PHE B 117 2.82 13.41 10.07
C PHE B 117 3.86 12.73 10.97
N ASP B 118 3.65 12.78 12.29
CA ASP B 118 4.64 12.27 13.26
C ASP B 118 6.02 12.90 12.94
N TYR B 119 6.02 14.23 12.87
CA TYR B 119 7.16 14.95 12.33
C TYR B 119 8.13 15.41 13.42
N GLY B 120 9.16 14.61 13.66
CA GLY B 120 10.25 14.96 14.59
C GLY B 120 9.75 15.34 15.96
N ASN B 121 10.30 16.41 16.52
CA ASN B 121 9.90 16.85 17.85
C ASN B 121 8.64 17.69 17.83
N GLN B 122 8.08 17.94 16.65
CA GLN B 122 6.85 18.71 16.52
C GLN B 122 6.86 20.08 17.22
N ASP B 123 8.04 20.66 17.43
CA ASP B 123 8.15 21.88 18.17
C ASP B 123 8.17 23.09 17.22
N PHE B 124 7.01 23.73 17.09
CA PHE B 124 6.79 24.90 16.22
C PHE B 124 6.74 26.23 16.97
N SER B 125 7.35 26.26 18.15
CA SER B 125 7.30 27.44 19.01
C SER B 125 8.28 28.54 18.61
N GLY B 126 9.28 28.25 17.78
CA GLY B 126 10.29 29.24 17.43
C GLY B 126 11.24 29.55 18.56
N ASP B 127 11.88 30.71 18.49
CA ASP B 127 12.93 31.14 19.44
C ASP B 127 12.34 32.03 20.55
N LYS B 128 12.72 31.79 21.80
CA LYS B 128 11.92 32.24 22.96
C LYS B 128 11.65 33.76 23.03
N GLU B 129 10.40 34.11 23.30
CA GLU B 129 9.95 35.52 23.42
C GLU B 129 9.90 36.29 22.10
N ARG B 130 10.15 35.62 20.98
CA ARG B 130 10.15 36.31 19.69
C ARG B 130 8.82 36.15 18.93
N ASN B 131 8.01 35.19 19.36
CA ASN B 131 6.80 34.79 18.64
C ASN B 131 7.03 34.65 17.13
N ASN B 132 8.06 33.90 16.79
CA ASN B 132 8.49 33.83 15.39
C ASN B 132 8.36 32.43 14.80
N GLY B 133 7.56 31.56 15.41
CA GLY B 133 7.36 30.21 14.87
C GLY B 133 6.89 30.17 13.42
N LEU B 134 5.91 31.00 13.08
CA LEU B 134 5.36 30.96 11.72
C LEU B 134 6.36 31.41 10.66
N THR B 135 7.35 32.18 11.06
CA THR B 135 8.31 32.62 10.08
C THR B 135 9.61 31.83 10.13
N GLU B 136 9.88 31.12 11.21
CA GLU B 136 11.22 30.62 11.41
C GLU B 136 11.36 29.28 12.10
N ALA B 137 10.26 28.66 12.53
CA ALA B 137 10.44 27.52 13.43
C ALA B 137 11.26 26.37 12.84
N TRP B 138 11.23 26.25 11.51
CA TRP B 138 11.87 25.15 10.81
C TRP B 138 13.27 25.50 10.31
N LEU B 139 13.70 26.73 10.54
CA LEU B 139 14.98 27.24 10.09
C LEU B 139 15.94 27.45 11.25
N GLU B 140 16.73 26.40 11.54
CA GLU B 140 17.66 26.42 12.64
C GLU B 140 17.04 27.02 13.91
N SER B 141 15.91 26.46 14.30
CA SER B 141 15.13 26.97 15.41
C SER B 141 14.60 25.79 16.23
N SER B 142 13.33 25.81 16.58
CA SER B 142 12.77 24.86 17.54
C SER B 142 12.54 23.46 16.96
N LEU B 143 12.14 23.39 15.68
CA LEU B 143 11.72 22.14 15.06
C LEU B 143 12.93 21.31 14.68
N LYS B 144 12.91 20.03 15.09
CA LYS B 144 14.04 19.14 14.89
C LYS B 144 13.57 17.76 14.50
N ILE B 145 14.32 17.14 13.59
CA ILE B 145 13.99 15.81 13.10
C ILE B 145 15.30 15.15 12.72
N SER B 146 15.38 13.81 12.89
CA SER B 146 16.59 13.09 12.56
C SER B 146 16.54 12.55 11.13
N PRO B 147 17.71 12.22 10.57
CA PRO B 147 17.70 11.52 9.31
C PRO B 147 16.84 10.25 9.27
N GLU B 148 16.94 9.41 10.30
N GLU B 148 16.91 9.39 10.29
CA GLU B 148 16.10 8.22 10.39
CA GLU B 148 16.06 8.18 10.28
C GLU B 148 14.62 8.56 10.35
C GLU B 148 14.58 8.54 10.34
N GLU B 149 14.21 9.59 11.08
CA GLU B 149 12.82 10.01 11.08
C GLU B 149 12.42 10.57 9.68
N GLN B 150 13.33 11.29 9.02
CA GLN B 150 13.05 11.77 7.65
C GLN B 150 12.86 10.63 6.67
N ILE B 151 13.64 9.57 6.81
CA ILE B 151 13.45 8.42 5.97
C ILE B 151 12.01 7.95 6.11
N GLN B 152 11.54 7.76 7.35
CA GLN B 152 10.22 7.20 7.54
C GLN B 152 9.09 8.13 7.07
N PHE B 153 9.30 9.44 7.23
CA PHE B 153 8.40 10.43 6.66
C PHE B 153 8.34 10.32 5.14
N LEU B 154 9.49 10.18 4.50
CA LEU B 154 9.58 10.03 3.04
C LEU B 154 8.89 8.76 2.59
N ARG B 155 9.07 7.67 3.35
CA ARG B 155 8.35 6.43 3.03
C ARG B 155 6.84 6.62 3.07
N LYS B 156 6.35 7.28 4.11
CA LYS B 156 4.94 7.51 4.26
C LYS B 156 4.36 8.28 3.10
N ILE B 157 5.14 9.24 2.60
CA ILE B 157 4.73 10.04 1.47
C ILE B 157 4.59 9.14 0.26
N ILE B 158 5.66 8.50 -0.17
CA ILE B 158 5.60 7.79 -1.45
C ILE B 158 4.70 6.53 -1.37
N ASN B 159 4.51 5.99 -0.16
CA ASN B 159 3.57 4.88 0.03
C ASN B 159 2.11 5.33 0.26
N HIS B 160 1.86 6.62 0.26
CA HIS B 160 0.54 7.17 0.55
C HIS B 160 -0.04 6.69 1.89
N ASN B 161 0.82 6.62 2.90
CA ASN B 161 0.41 6.41 4.30
C ASN B 161 0.43 7.65 5.18
N LEU B 162 0.04 8.76 4.57
CA LEU B 162 -0.12 10.03 5.28
C LEU B 162 -1.56 10.43 5.09
N PRO B 163 -2.14 11.13 6.07
CA PRO B 163 -3.53 11.51 5.94
C PRO B 163 -3.67 12.83 5.21
N VAL B 164 -3.20 12.84 3.95
CA VAL B 164 -3.45 13.95 3.06
C VAL B 164 -3.93 13.40 1.73
N LYS B 165 -4.55 14.26 0.94
CA LYS B 165 -5.03 13.90 -0.40
C LYS B 165 -3.93 13.28 -1.23
N ASN B 166 -4.30 12.34 -2.07
CA ASN B 166 -3.28 11.67 -2.87
CA ASN B 166 -3.36 11.65 -2.96
C ASN B 166 -2.64 12.63 -3.91
N SER B 167 -3.38 13.60 -4.42
CA SER B 167 -2.81 14.59 -5.35
C SER B 167 -1.83 15.50 -4.62
N ALA B 168 -2.02 15.73 -3.32
CA ALA B 168 -1.07 16.57 -2.54
C ALA B 168 0.29 15.87 -2.54
N ILE B 169 0.29 14.56 -2.30
CA ILE B 169 1.50 13.79 -2.35
C ILE B 169 2.13 13.82 -3.73
N GLU B 170 1.40 13.40 -4.77
CA GLU B 170 2.05 13.28 -6.07
C GLU B 170 2.44 14.66 -6.68
N ASN B 171 1.70 15.70 -6.41
CA ASN B 171 2.13 17.04 -6.86
C ASN B 171 3.40 17.50 -6.16
N THR B 172 3.51 17.18 -4.86
CA THR B 172 4.75 17.45 -4.13
C THR B 172 5.94 16.66 -4.66
N ILE B 173 5.77 15.35 -4.87
CA ILE B 173 6.88 14.57 -5.42
C ILE B 173 7.27 15.09 -6.83
N GLU B 174 6.28 15.39 -7.67
CA GLU B 174 6.59 15.88 -9.01
C GLU B 174 7.44 17.16 -8.94
N ASN B 175 7.11 18.03 -8.00
CA ASN B 175 7.79 19.30 -7.83
C ASN B 175 9.21 19.13 -7.28
N MET B 176 9.50 17.99 -6.66
CA MET B 176 10.82 17.64 -6.24
C MET B 176 11.72 17.03 -7.30
N TYR B 177 11.14 16.73 -8.47
CA TYR B 177 11.95 16.14 -9.49
C TYR B 177 13.16 17.00 -9.86
N LEU B 178 14.33 16.42 -9.90
CA LEU B 178 15.55 17.14 -10.23
C LEU B 178 16.21 16.75 -11.53
N GLN B 179 16.42 15.46 -11.73
CA GLN B 179 17.20 14.97 -12.85
C GLN B 179 17.14 13.45 -12.87
N ASP B 180 17.66 12.88 -13.95
CA ASP B 180 17.97 11.48 -13.97
C ASP B 180 19.45 11.29 -13.64
N LEU B 181 19.77 10.22 -12.92
CA LEU B 181 21.14 9.80 -12.71
C LEU B 181 21.67 8.94 -13.83
N ASP B 182 22.83 8.33 -13.61
CA ASP B 182 23.68 7.89 -14.72
C ASP B 182 23.03 6.78 -15.51
N ASN B 183 22.23 5.96 -14.81
CA ASN B 183 21.58 4.78 -15.39
C ASN B 183 20.09 5.00 -15.63
N SER B 184 19.69 6.27 -15.78
CA SER B 184 18.29 6.66 -15.95
C SER B 184 17.46 6.51 -14.68
N THR B 185 18.11 6.26 -13.52
CA THR B 185 17.40 6.35 -12.25
C THR B 185 16.95 7.79 -12.02
N LYS B 186 15.70 7.93 -11.63
CA LYS B 186 15.10 9.27 -11.51
C LYS B 186 15.24 9.77 -10.07
N LEU B 187 15.75 10.98 -9.94
CA LEU B 187 16.03 11.64 -8.67
C LEU B 187 15.02 12.73 -8.41
N TYR B 188 14.35 12.62 -7.27
CA TYR B 188 13.44 13.62 -6.74
C TYR B 188 13.98 14.00 -5.38
N GLY B 189 14.36 15.25 -5.16
CA GLY B 189 15.12 15.56 -3.97
C GLY B 189 14.97 16.99 -3.54
N LYS B 190 15.46 17.26 -2.36
CA LYS B 190 15.32 18.54 -1.72
C LYS B 190 16.49 18.79 -0.80
N THR B 191 17.11 19.94 -0.93
CA THR B 191 18.18 20.38 -0.05
C THR B 191 17.67 21.16 1.13
N GLY B 192 18.52 21.28 2.16
CA GLY B 192 18.32 22.26 3.22
C GLY B 192 19.66 22.58 3.85
N ALA B 193 19.86 23.80 4.33
CA ALA B 193 21.14 24.18 4.91
C ALA B 193 20.90 25.30 5.89
N GLY B 194 21.75 25.36 6.92
CA GLY B 194 21.71 26.46 7.91
C GLY B 194 22.91 26.33 8.80
N PHE B 195 23.12 27.36 9.61
CA PHE B 195 24.14 27.31 10.64
C PHE B 195 23.52 26.90 11.95
N THR B 196 24.15 26.11 12.72
CA THR B 196 23.89 25.89 14.11
CA THR B 196 23.72 25.82 14.09
C THR B 196 23.67 27.03 15.01
N ALA B 197 22.54 27.16 15.72
CA ALA B 197 22.38 28.28 16.64
C ALA B 197 23.52 28.26 17.65
N ASN B 198 24.12 29.43 17.87
CA ASN B 198 25.12 29.66 18.91
C ASN B 198 26.45 28.95 18.68
N ARG B 199 26.66 28.43 17.46
CA ARG B 199 27.89 27.75 17.09
C ARG B 199 28.28 28.11 15.65
N THR B 200 29.49 27.74 15.26
CA THR B 200 29.99 28.02 13.93
C THR B 200 29.60 26.95 12.92
N LEU B 201 29.10 25.79 13.40
CA LEU B 201 28.84 24.65 12.52
C LEU B 201 27.70 24.92 11.52
N GLN B 202 27.78 24.19 10.40
CA GLN B 202 26.73 24.15 9.40
C GLN B 202 26.07 22.79 9.38
N ASN B 203 24.76 22.78 9.14
CA ASN B 203 24.04 21.57 8.88
C ASN B 203 23.65 21.53 7.46
N GLY B 204 23.60 20.34 6.87
CA GLY B 204 23.14 20.21 5.49
C GLY B 204 22.39 18.94 5.23
N TRP B 205 21.36 19.04 4.41
CA TRP B 205 20.54 17.91 4.02
C TRP B 205 20.49 17.83 2.52
N PHE B 206 20.31 16.61 2.03
CA PHE B 206 19.76 16.33 0.68
C PHE B 206 19.03 15.00 0.75
N GLU B 207 17.74 15.02 0.51
CA GLU B 207 16.94 13.82 0.69
C GLU B 207 15.86 13.72 -0.35
N GLY B 208 15.25 12.56 -0.44
CA GLY B 208 14.11 12.37 -1.35
C GLY B 208 13.91 10.95 -1.79
N PHE B 209 13.60 10.81 -3.08
CA PHE B 209 13.13 9.59 -3.69
C PHE B 209 14.02 9.26 -4.88
N ILE B 210 14.30 7.98 -5.10
CA ILE B 210 14.76 7.54 -6.41
C ILE B 210 13.83 6.45 -6.96
N ILE B 211 13.58 6.55 -8.26
CA ILE B 211 12.78 5.56 -8.98
C ILE B 211 13.69 5.00 -10.06
N SER B 212 14.03 3.72 -9.93
N SER B 212 14.15 3.75 -9.90
CA SER B 212 14.94 3.05 -10.83
CA SER B 212 15.06 3.15 -10.86
C SER B 212 14.28 2.81 -12.18
C SER B 212 14.33 2.80 -12.15
N LYS B 213 15.07 2.66 -13.24
CA LYS B 213 14.48 2.35 -14.52
C LYS B 213 13.83 0.95 -14.50
N SER B 214 14.20 0.09 -13.56
CA SER B 214 13.49 -1.15 -13.33
CA SER B 214 13.48 -1.16 -13.38
C SER B 214 12.16 -0.92 -12.65
N GLY B 215 11.87 0.34 -12.33
CA GLY B 215 10.60 0.75 -11.70
C GLY B 215 10.63 0.78 -10.17
N HIS B 216 11.72 0.28 -9.60
CA HIS B 216 11.81 0.15 -8.16
C HIS B 216 12.00 1.48 -7.44
N LYS B 217 11.36 1.61 -6.29
CA LYS B 217 11.29 2.88 -5.53
CA LYS B 217 11.41 2.87 -5.56
C LYS B 217 12.10 2.82 -4.22
N TYR B 218 12.86 3.88 -3.94
CA TYR B 218 13.68 4.01 -2.74
C TYR B 218 13.52 5.41 -2.17
N VAL B 219 13.80 5.53 -0.89
CA VAL B 219 13.97 6.80 -0.25
C VAL B 219 15.38 6.91 0.28
N PHE B 220 15.89 8.14 0.39
CA PHE B 220 17.23 8.36 0.85
C PHE B 220 17.35 9.67 1.62
N VAL B 221 18.37 9.71 2.48
CA VAL B 221 18.77 10.93 3.17
C VAL B 221 20.28 10.99 3.22
N SER B 222 20.84 12.13 2.83
CA SER B 222 22.24 12.45 2.99
C SER B 222 22.28 13.69 3.90
N ALA B 223 22.95 13.63 5.04
CA ALA B 223 22.95 14.75 5.98
C ALA B 223 24.30 14.92 6.63
N LEU B 224 24.59 16.13 7.09
CA LEU B 224 25.86 16.38 7.76
C LEU B 224 25.81 17.60 8.63
N THR B 225 26.67 17.57 9.65
CA THR B 225 26.98 18.74 10.46
C THR B 225 28.46 18.90 10.57
N GLY B 226 28.96 20.11 10.36
CA GLY B 226 30.41 20.31 10.43
C GLY B 226 30.85 21.73 10.35
N ASN B 227 32.13 21.95 10.64
CA ASN B 227 32.73 23.27 10.43
C ASN B 227 33.22 23.35 9.01
N LEU B 228 32.50 24.11 8.19
CA LEU B 228 32.82 24.29 6.79
C LEU B 228 33.15 25.73 6.49
N GLY B 229 33.44 26.48 7.54
CA GLY B 229 33.67 27.91 7.45
C GLY B 229 32.44 28.77 7.43
N SER B 230 32.56 29.95 6.85
CA SER B 230 31.52 30.98 6.82
C SER B 230 30.64 30.97 5.58
N ASN B 231 31.04 30.18 4.59
N ASN B 231 31.06 30.25 4.54
CA ASN B 231 30.26 30.01 3.39
CA ASN B 231 30.23 30.07 3.33
C ASN B 231 29.40 28.76 3.53
C ASN B 231 29.41 28.79 3.46
N LEU B 232 28.10 28.95 3.37
CA LEU B 232 27.15 27.84 3.62
C LEU B 232 27.14 26.87 2.44
N THR B 233 27.87 25.80 2.59
CA THR B 233 28.05 24.80 1.52
C THR B 233 27.63 23.42 1.97
N SER B 234 27.08 23.32 3.15
CA SER B 234 26.71 22.02 3.68
C SER B 234 25.71 21.22 2.84
N SER B 235 24.71 21.90 2.26
CA SER B 235 23.82 21.15 1.37
C SER B 235 24.41 20.87 0.02
N ILE B 236 25.31 21.72 -0.47
CA ILE B 236 26.03 21.41 -1.68
C ILE B 236 26.84 20.12 -1.51
N LYS B 237 27.50 19.98 -0.37
CA LYS B 237 28.27 18.77 -0.07
C LYS B 237 27.36 17.56 0.14
N ALA B 238 26.26 17.74 0.87
CA ALA B 238 25.35 16.62 1.13
C ALA B 238 24.80 16.11 -0.18
N LYS B 239 24.40 17.05 -1.07
CA LYS B 239 23.78 16.66 -2.36
C LYS B 239 24.81 16.00 -3.27
N LYS B 240 26.02 16.55 -3.38
CA LYS B 240 27.07 15.98 -4.22
C LYS B 240 27.40 14.58 -3.71
N ASN B 241 27.47 14.45 -2.40
CA ASN B 241 27.81 13.13 -1.82
C ASN B 241 26.72 12.10 -2.12
N ALA B 242 25.47 12.50 -2.00
CA ALA B 242 24.34 11.64 -2.33
C ALA B 242 24.44 11.15 -3.72
N ILE B 243 24.60 12.08 -4.65
CA ILE B 243 24.70 11.73 -6.07
C ILE B 243 25.85 10.76 -6.34
N THR B 244 27.01 11.04 -5.79
CA THR B 244 28.17 10.17 -5.90
C THR B 244 27.86 8.77 -5.39
N ILE B 245 27.25 8.68 -4.22
CA ILE B 245 26.91 7.39 -3.62
C ILE B 245 25.89 6.66 -4.49
N LEU B 246 24.82 7.34 -4.85
CA LEU B 246 23.70 6.71 -5.55
C LEU B 246 24.19 6.17 -6.89
N ASN B 247 25.06 6.92 -7.56
CA ASN B 247 25.59 6.49 -8.85
C ASN B 247 26.50 5.26 -8.70
N THR B 248 27.19 5.11 -7.57
CA THR B 248 27.99 3.88 -7.35
C THR B 248 27.16 2.63 -7.09
N LEU B 249 25.99 2.82 -6.51
CA LEU B 249 25.15 1.70 -6.14
C LEU B 249 24.46 1.18 -7.37
N ASN B 250 24.33 2.07 -8.35
CA ASN B 250 23.74 1.70 -9.62
C ASN B 250 22.39 1.03 -9.40
N LEU B 251 21.49 1.76 -8.75
CA LEU B 251 20.26 1.17 -8.20
C LEU B 251 19.10 1.25 -9.19
N SER C 1 -6.34 -22.37 -6.35
CA SER C 1 -7.58 -22.06 -7.12
C SER C 1 -8.55 -23.23 -7.04
N THR C 2 -8.64 -23.84 -5.87
CA THR C 2 -9.44 -25.05 -5.72
C THR C 2 -10.84 -24.84 -6.23
N ASP C 3 -11.24 -25.72 -7.15
CA ASP C 3 -12.63 -25.88 -7.51
C ASP C 3 -13.40 -26.48 -6.34
N ILE C 4 -14.37 -25.71 -5.82
CA ILE C 4 -15.13 -26.15 -4.66
C ILE C 4 -16.55 -26.50 -5.07
N SER C 5 -16.74 -26.85 -6.34
CA SER C 5 -18.05 -27.34 -6.81
C SER C 5 -18.74 -28.37 -5.90
N THR C 6 -17.97 -29.29 -5.32
CA THR C 6 -18.55 -30.34 -4.49
C THR C 6 -19.34 -29.77 -3.31
N VAL C 7 -18.79 -28.71 -2.73
CA VAL C 7 -19.40 -28.07 -1.57
C VAL C 7 -20.42 -27.06 -2.10
N ALA C 8 -20.02 -26.31 -3.11
CA ALA C 8 -20.82 -25.14 -3.56
C ALA C 8 -22.03 -25.53 -4.39
N SER C 9 -21.88 -26.53 -5.26
CA SER C 9 -22.91 -26.81 -6.24
C SER C 9 -24.31 -27.00 -5.65
N PRO C 10 -24.44 -27.87 -4.63
CA PRO C 10 -25.75 -28.09 -4.01
C PRO C 10 -26.33 -26.82 -3.35
N LEU C 11 -25.46 -25.97 -2.81
CA LEU C 11 -25.92 -24.78 -2.10
C LEU C 11 -26.50 -23.78 -3.08
N PHE C 12 -26.09 -23.86 -4.34
CA PHE C 12 -26.53 -22.92 -5.34
C PHE C 12 -27.53 -23.52 -6.37
N GLU C 13 -27.86 -24.81 -6.18
CA GLU C 13 -28.80 -25.52 -7.07
C GLU C 13 -30.14 -24.77 -7.16
N GLY C 14 -30.56 -24.55 -8.47
CA GLY C 14 -31.78 -23.78 -8.70
C GLY C 14 -31.51 -22.33 -9.07
N THR C 15 -30.23 -21.94 -9.01
CA THR C 15 -29.77 -20.60 -9.39
C THR C 15 -28.48 -20.68 -10.21
N GLU C 16 -28.13 -19.63 -10.94
N GLU C 16 -28.12 -19.59 -10.88
CA GLU C 16 -26.74 -19.52 -11.42
CA GLU C 16 -26.77 -19.42 -11.44
C GLU C 16 -25.99 -18.81 -10.30
C GLU C 16 -25.88 -18.75 -10.39
N GLY C 17 -25.14 -19.56 -9.61
CA GLY C 17 -24.41 -19.05 -8.42
C GLY C 17 -22.92 -19.09 -8.63
N CYS C 18 -22.19 -18.34 -7.82
CA CYS C 18 -20.76 -18.39 -7.86
C CYS C 18 -20.16 -18.00 -6.54
N PHE C 19 -18.90 -18.35 -6.36
CA PHE C 19 -18.16 -18.01 -5.18
C PHE C 19 -16.71 -17.80 -5.54
N LEU C 20 -16.07 -16.78 -4.98
CA LEU C 20 -14.66 -16.61 -5.11
C LEU C 20 -14.11 -16.26 -3.77
N LEU C 21 -12.90 -16.75 -3.48
CA LEU C 21 -12.14 -16.36 -2.31
C LEU C 21 -10.69 -16.18 -2.75
N TYR C 22 -10.11 -15.05 -2.45
CA TYR C 22 -8.72 -14.69 -2.86
C TYR C 22 -7.93 -14.24 -1.68
N ASP C 23 -6.63 -14.55 -1.68
CA ASP C 23 -5.71 -13.92 -0.78
C ASP C 23 -5.62 -12.44 -1.05
N ALA C 24 -5.76 -11.63 -0.02
CA ALA C 24 -5.85 -10.21 -0.20
C ALA C 24 -4.51 -9.67 -0.74
N SER C 25 -3.37 -9.92 -0.01
CA SER C 25 -2.07 -9.37 -0.40
CA SER C 25 -2.06 -9.37 -0.39
C SER C 25 -1.58 -9.91 -1.73
N THR C 26 -1.72 -11.20 -1.96
CA THR C 26 -1.07 -11.80 -3.15
C THR C 26 -1.94 -11.98 -4.39
N ASN C 27 -3.25 -11.85 -4.26
CA ASN C 27 -4.15 -12.19 -5.38
C ASN C 27 -4.17 -13.66 -5.78
N ALA C 28 -3.71 -14.53 -4.88
CA ALA C 28 -3.87 -15.94 -5.13
C ALA C 28 -5.34 -16.29 -5.01
N GLU C 29 -5.85 -17.06 -5.97
CA GLU C 29 -7.17 -17.64 -5.88
C GLU C 29 -7.11 -18.85 -4.97
N ILE C 30 -7.95 -18.84 -3.94
CA ILE C 30 -8.00 -19.92 -2.98
C ILE C 30 -9.15 -20.87 -3.28
N ALA C 31 -10.31 -20.33 -3.64
CA ALA C 31 -11.47 -21.17 -3.91
C ALA C 31 -12.36 -20.50 -4.95
N GLN C 32 -12.90 -21.28 -5.87
CA GLN C 32 -13.79 -20.73 -6.88
C GLN C 32 -14.87 -21.71 -7.26
N PHE C 33 -16.05 -21.16 -7.52
CA PHE C 33 -17.15 -21.90 -8.11
C PHE C 33 -17.80 -21.09 -9.23
N ASN C 34 -17.90 -21.70 -10.40
CA ASN C 34 -18.60 -21.17 -11.54
C ASN C 34 -17.96 -19.88 -12.11
N LYS C 35 -16.85 -20.04 -12.82
CA LYS C 35 -16.16 -18.89 -13.38
C LYS C 35 -16.91 -18.01 -14.43
N ALA C 36 -17.76 -18.61 -15.28
CA ALA C 36 -18.58 -17.86 -16.21
C ALA C 36 -19.51 -16.87 -15.47
N LYS C 37 -20.12 -17.35 -14.40
CA LYS C 37 -20.98 -16.49 -13.57
C LYS C 37 -20.15 -15.47 -12.79
N CYS C 38 -18.93 -15.84 -12.42
CA CYS C 38 -18.01 -14.89 -11.78
C CYS C 38 -17.62 -13.74 -12.70
N ALA C 39 -17.60 -14.01 -14.02
CA ALA C 39 -17.24 -12.98 -14.95
C ALA C 39 -18.38 -12.17 -15.55
N THR C 40 -19.60 -12.43 -15.10
CA THR C 40 -20.78 -11.75 -15.59
C THR C 40 -21.08 -10.49 -14.74
N GLN C 41 -21.15 -9.33 -15.38
CA GLN C 41 -21.53 -8.09 -14.71
C GLN C 41 -23.02 -8.07 -14.39
N MET C 42 -23.36 -7.71 -13.15
CA MET C 42 -24.74 -7.36 -12.86
C MET C 42 -24.73 -6.17 -11.86
N ALA C 43 -25.92 -5.63 -11.59
CA ALA C 43 -26.02 -4.49 -10.68
C ALA C 43 -25.46 -4.85 -9.30
N PRO C 44 -24.73 -3.93 -8.69
CA PRO C 44 -24.17 -4.22 -7.35
C PRO C 44 -25.20 -4.13 -6.24
N ASP C 45 -26.30 -3.45 -6.55
CA ASP C 45 -27.33 -3.18 -5.57
C ASP C 45 -26.63 -2.64 -4.32
N SER C 46 -27.06 -3.13 -3.16
CA SER C 46 -26.63 -2.48 -1.90
C SER C 46 -25.16 -2.70 -1.59
N THR C 47 -24.50 -3.59 -2.32
CA THR C 47 -23.04 -3.71 -2.17
C THR C 47 -22.34 -2.41 -2.61
N PHE C 48 -23.00 -1.57 -3.41
CA PHE C 48 -22.44 -0.30 -3.75
C PHE C 48 -22.20 0.58 -2.55
N ASP C 49 -22.90 0.30 -1.44
CA ASP C 49 -22.70 1.08 -0.22
C ASP C 49 -21.26 1.05 0.23
N ILE C 50 -20.55 -0.06 -0.06
CA ILE C 50 -19.14 -0.06 0.26
C ILE C 50 -18.40 1.09 -0.39
N ALA C 51 -18.59 1.23 -1.72
CA ALA C 51 -18.00 2.32 -2.46
C ALA C 51 -18.47 3.66 -1.98
N LEU C 52 -19.78 3.79 -1.76
N LEU C 52 -19.76 3.72 -1.71
CA LEU C 52 -20.28 5.08 -1.27
CA LEU C 52 -20.33 4.98 -1.32
C LEU C 52 -19.69 5.50 0.07
C LEU C 52 -19.85 5.46 0.06
N SER C 53 -19.51 4.53 0.94
CA SER C 53 -18.95 4.84 2.24
C SER C 53 -17.53 5.38 2.07
N LEU C 54 -16.73 4.78 1.18
CA LEU C 54 -15.37 5.28 0.95
C LEU C 54 -15.45 6.71 0.43
N MET C 55 -16.35 6.97 -0.50
CA MET C 55 -16.49 8.32 -1.09
C MET C 55 -16.87 9.34 0.00
N ALA C 56 -17.82 8.95 0.88
CA ALA C 56 -18.41 9.90 1.82
C ALA C 56 -17.41 10.24 2.90
N PHE C 57 -16.70 9.24 3.41
CA PHE C 57 -15.62 9.50 4.35
C PHE C 57 -14.50 10.32 3.70
N ASP C 58 -14.10 9.94 2.48
CA ASP C 58 -12.98 10.63 1.84
C ASP C 58 -13.33 12.09 1.53
N ALA C 59 -14.55 12.33 1.13
CA ALA C 59 -15.01 13.68 0.80
C ALA C 59 -15.28 14.54 2.07
N GLU C 60 -15.19 13.91 3.26
CA GLU C 60 -15.45 14.55 4.56
C GLU C 60 -16.86 15.05 4.63
N ILE C 61 -17.80 14.35 4.02
CA ILE C 61 -19.18 14.70 4.25
C ILE C 61 -19.78 13.93 5.42
N ILE C 62 -19.14 12.83 5.81
CA ILE C 62 -19.53 12.13 7.03
C ILE C 62 -18.30 11.84 7.82
N ASP C 63 -18.45 11.61 9.07
N ASP C 63 -18.49 11.72 9.25
CA ASP C 63 -17.51 10.80 9.84
CA ASP C 63 -17.70 11.25 10.37
C ASP C 63 -18.32 9.94 10.82
C ASP C 63 -18.37 9.99 10.91
N GLN C 64 -17.64 9.17 11.66
CA GLN C 64 -18.32 8.13 12.39
C GLN C 64 -19.45 8.69 13.30
N LYS C 65 -19.31 9.94 13.72
CA LYS C 65 -20.30 10.60 14.57
C LYS C 65 -21.48 11.15 13.84
N THR C 66 -21.45 11.22 12.53
CA THR C 66 -22.55 11.84 11.80
C THR C 66 -23.87 11.10 12.03
N ILE C 67 -24.96 11.88 12.23
CA ILE C 67 -26.29 11.33 12.35
C ILE C 67 -27.10 11.76 11.15
N PHE C 68 -27.54 10.79 10.37
CA PHE C 68 -28.47 11.02 9.31
C PHE C 68 -29.88 11.08 9.90
N LYS C 69 -30.57 12.14 9.54
CA LYS C 69 -31.87 12.43 10.13
C LYS C 69 -32.97 11.88 9.26
N TRP C 70 -33.71 10.93 9.83
CA TRP C 70 -34.87 10.35 9.17
C TRP C 70 -35.92 11.44 8.93
N ASP C 71 -36.44 11.50 7.72
CA ASP C 71 -37.42 12.54 7.34
C ASP C 71 -38.86 12.28 7.84
N LYS C 72 -39.01 11.30 8.75
CA LYS C 72 -40.23 10.94 9.46
C LYS C 72 -41.31 10.33 8.58
N THR C 73 -41.00 10.11 7.31
CA THR C 73 -41.88 9.37 6.39
C THR C 73 -41.60 7.85 6.39
N PRO C 74 -42.64 7.04 6.17
CA PRO C 74 -42.44 5.61 6.35
C PRO C 74 -41.62 5.00 5.23
N LYS C 75 -40.65 4.15 5.60
CA LYS C 75 -39.69 3.65 4.61
C LYS C 75 -39.90 2.18 4.32
N GLY C 76 -40.75 1.52 5.10
CA GLY C 76 -41.16 0.14 4.86
C GLY C 76 -40.51 -0.90 5.76
N MET C 77 -39.57 -0.46 6.59
CA MET C 77 -38.87 -1.32 7.53
CA MET C 77 -38.99 -1.36 7.59
C MET C 77 -38.72 -0.52 8.80
N GLU C 78 -38.99 -1.10 9.97
CA GLU C 78 -38.85 -0.30 11.20
C GLU C 78 -37.46 0.25 11.40
N ILE C 79 -36.47 -0.56 11.05
CA ILE C 79 -35.14 -0.09 11.28
C ILE C 79 -34.76 1.06 10.34
N TRP C 80 -35.40 1.16 9.19
CA TRP C 80 -35.18 2.30 8.31
C TRP C 80 -35.89 3.59 8.75
N ASN C 81 -36.87 3.45 9.66
CA ASN C 81 -37.62 4.57 10.19
C ASN C 81 -36.99 5.10 11.45
N SER C 82 -35.72 5.45 11.30
CA SER C 82 -34.88 5.82 12.41
C SER C 82 -33.75 6.70 11.86
N ASN C 83 -33.20 7.56 12.71
CA ASN C 83 -31.92 8.19 12.45
C ASN C 83 -30.88 7.08 12.41
N HIS C 84 -29.79 7.34 11.68
CA HIS C 84 -28.70 6.39 11.51
C HIS C 84 -27.35 7.05 11.60
N THR C 85 -26.35 6.25 11.90
CA THR C 85 -24.95 6.64 11.76
C THR C 85 -24.37 5.93 10.55
N PRO C 86 -23.11 6.23 10.22
CA PRO C 86 -22.53 5.47 9.13
C PRO C 86 -22.39 3.98 9.44
N LYS C 87 -22.27 3.60 10.71
CA LYS C 87 -22.16 2.21 11.04
C LYS C 87 -23.52 1.54 10.84
N THR C 88 -24.60 2.13 11.36
CA THR C 88 -25.90 1.50 11.23
C THR C 88 -26.44 1.52 9.80
N TRP C 89 -26.11 2.60 9.08
CA TRP C 89 -26.34 2.63 7.65
C TRP C 89 -25.83 1.34 6.95
N MET C 90 -24.60 0.99 7.25
CA MET C 90 -23.99 -0.17 6.67
C MET C 90 -24.64 -1.44 7.14
N GLN C 91 -24.83 -1.52 8.47
CA GLN C 91 -25.37 -2.75 9.06
C GLN C 91 -26.76 -3.08 8.56
N PHE C 92 -27.57 -2.04 8.30
CA PHE C 92 -28.97 -2.21 7.93
C PHE C 92 -29.31 -1.83 6.48
N SER C 93 -28.28 -1.57 5.70
CA SER C 93 -28.41 -1.29 4.27
CA SER C 93 -28.44 -1.31 4.27
C SER C 93 -29.48 -0.20 4.02
N VAL C 94 -29.30 0.93 4.71
CA VAL C 94 -30.37 1.94 4.70
C VAL C 94 -30.31 2.73 3.40
N VAL C 95 -31.16 2.34 2.45
CA VAL C 95 -31.09 2.90 1.12
C VAL C 95 -31.24 4.41 1.13
N TRP C 96 -32.20 4.94 1.95
CA TRP C 96 -32.41 6.39 1.93
C TRP C 96 -31.16 7.20 2.33
N VAL C 97 -30.33 6.60 3.18
CA VAL C 97 -29.03 7.20 3.51
C VAL C 97 -28.08 7.20 2.31
N SER C 98 -28.02 6.08 1.61
CA SER C 98 -27.21 6.02 0.39
C SER C 98 -27.62 7.11 -0.60
N GLN C 99 -28.94 7.32 -0.68
CA GLN C 99 -29.48 8.34 -1.59
C GLN C 99 -29.17 9.73 -1.12
N GLU C 100 -29.20 10.01 0.17
CA GLU C 100 -28.78 11.34 0.68
CA GLU C 100 -28.79 11.34 0.63
C GLU C 100 -27.30 11.58 0.33
N ILE C 101 -26.49 10.56 0.53
CA ILE C 101 -25.07 10.66 0.28
C ILE C 101 -24.73 10.90 -1.18
N THR C 102 -25.38 10.18 -2.07
CA THR C 102 -25.09 10.44 -3.49
C THR C 102 -25.50 11.84 -3.90
N GLN C 103 -26.64 12.32 -3.41
CA GLN C 103 -27.07 13.70 -3.71
C GLN C 103 -26.11 14.75 -3.20
N LYS C 104 -25.51 14.50 -2.05
CA LYS C 104 -24.52 15.41 -1.50
C LYS C 104 -23.21 15.41 -2.26
N ILE C 105 -22.72 14.24 -2.62
CA ILE C 105 -21.44 14.13 -3.32
C ILE C 105 -21.61 14.71 -4.73
N GLY C 106 -22.72 14.36 -5.37
CA GLY C 106 -23.05 14.84 -6.72
C GLY C 106 -22.42 14.03 -7.84
N LEU C 107 -23.02 14.14 -9.01
CA LEU C 107 -22.68 13.24 -10.11
C LEU C 107 -21.21 13.31 -10.53
N ASN C 108 -20.67 14.50 -10.67
CA ASN C 108 -19.34 14.58 -11.22
C ASN C 108 -18.30 13.94 -10.30
N LYS C 109 -18.45 14.15 -9.00
CA LYS C 109 -17.52 13.59 -8.06
C LYS C 109 -17.73 12.09 -7.91
N ILE C 110 -18.97 11.64 -7.98
CA ILE C 110 -19.21 10.19 -8.02
C ILE C 110 -18.52 9.54 -9.24
N LYS C 111 -18.65 10.13 -10.42
CA LYS C 111 -17.92 9.62 -11.59
C LYS C 111 -16.42 9.62 -11.46
N ASN C 112 -15.88 10.63 -10.80
CA ASN C 112 -14.45 10.64 -10.54
C ASN C 112 -14.05 9.50 -9.62
N TYR C 113 -14.83 9.26 -8.55
CA TYR C 113 -14.53 8.12 -7.68
C TYR C 113 -14.70 6.78 -8.37
N LEU C 114 -15.69 6.65 -9.24
CA LEU C 114 -15.87 5.41 -9.97
C LEU C 114 -14.67 5.09 -10.90
N LYS C 115 -14.12 6.14 -11.49
CA LYS C 115 -12.91 6.01 -12.29
C LYS C 115 -11.72 5.65 -11.42
N ASP C 116 -11.58 6.32 -10.28
CA ASP C 116 -10.47 6.02 -9.32
C ASP C 116 -10.58 4.61 -8.75
N PHE C 117 -11.80 4.08 -8.68
CA PHE C 117 -12.04 2.80 -8.06
C PHE C 117 -12.07 1.68 -9.10
N ASP C 118 -11.92 2.01 -10.39
N ASP C 118 -12.06 2.06 -10.37
CA ASP C 118 -12.18 1.05 -11.50
CA ASP C 118 -12.20 1.08 -11.45
C ASP C 118 -13.44 0.23 -11.24
C ASP C 118 -13.41 0.24 -11.20
N TYR C 119 -14.54 0.93 -11.04
CA TYR C 119 -15.77 0.28 -10.56
C TYR C 119 -16.65 -0.18 -11.71
N GLY C 120 -16.45 -1.42 -12.11
CA GLY C 120 -17.24 -2.02 -13.16
C GLY C 120 -17.39 -1.20 -14.42
N ASN C 121 -18.61 -1.07 -14.91
CA ASN C 121 -18.85 -0.29 -16.14
C ASN C 121 -18.90 1.18 -15.89
N GLN C 122 -18.83 1.59 -14.61
CA GLN C 122 -18.81 3.03 -14.25
C GLN C 122 -19.99 3.84 -14.81
N ASP C 123 -21.10 3.17 -15.06
CA ASP C 123 -22.24 3.80 -15.71
C ASP C 123 -23.29 4.28 -14.69
N PHE C 124 -23.23 5.57 -14.38
CA PHE C 124 -24.09 6.14 -13.35
C PHE C 124 -25.25 6.90 -13.96
N SER C 125 -25.59 6.57 -15.21
CA SER C 125 -26.65 7.31 -15.90
C SER C 125 -28.05 6.98 -15.43
N GLY C 126 -28.23 5.81 -14.82
CA GLY C 126 -29.55 5.43 -14.35
C GLY C 126 -30.39 4.85 -15.47
N ASP C 127 -31.70 4.86 -15.25
CA ASP C 127 -32.65 4.25 -16.19
C ASP C 127 -32.85 5.23 -17.34
N LYS C 128 -32.89 4.70 -18.56
CA LYS C 128 -33.19 5.53 -19.72
C LYS C 128 -34.50 6.33 -19.56
N GLU C 129 -34.38 7.62 -19.81
CA GLU C 129 -35.52 8.54 -19.84
C GLU C 129 -36.13 8.83 -18.46
N ARG C 130 -35.41 8.53 -17.39
CA ARG C 130 -35.94 8.76 -16.06
C ARG C 130 -35.14 9.80 -15.28
N ASN C 131 -33.95 10.13 -15.73
CA ASN C 131 -33.08 11.07 -15.03
C ASN C 131 -32.93 10.77 -13.53
N ASN C 132 -32.65 9.51 -13.23
CA ASN C 132 -32.69 9.08 -11.85
C ASN C 132 -31.36 8.47 -11.40
N GLY C 133 -30.29 8.76 -12.12
CA GLY C 133 -29.00 8.15 -11.79
C GLY C 133 -28.56 8.40 -10.37
N LEU C 134 -28.76 9.61 -9.88
CA LEU C 134 -28.26 9.98 -8.57
C LEU C 134 -28.95 9.17 -7.47
N THR C 135 -30.18 8.73 -7.69
CA THR C 135 -30.97 8.02 -6.67
C THR C 135 -31.05 6.51 -6.91
N GLU C 136 -30.74 6.04 -8.13
CA GLU C 136 -31.06 4.70 -8.50
C GLU C 136 -30.01 3.94 -9.29
N ALA C 137 -28.91 4.59 -9.69
CA ALA C 137 -28.06 4.00 -10.72
C ALA C 137 -27.46 2.66 -10.32
N TRP C 138 -27.28 2.43 -9.01
CA TRP C 138 -26.67 1.20 -8.50
C TRP C 138 -27.68 0.13 -8.10
N LEU C 139 -28.97 0.43 -8.25
CA LEU C 139 -30.03 -0.48 -7.81
C LEU C 139 -30.77 -1.02 -9.03
N GLU C 140 -30.36 -2.20 -9.47
CA GLU C 140 -30.84 -2.85 -10.67
C GLU C 140 -31.06 -1.86 -11.82
N SER C 141 -30.03 -1.13 -12.17
CA SER C 141 -30.11 -0.05 -13.15
C SER C 141 -28.82 -0.04 -14.00
N SER C 142 -28.26 1.12 -14.28
CA SER C 142 -27.18 1.20 -15.26
C SER C 142 -25.84 0.64 -14.81
N LEU C 143 -25.52 0.77 -13.52
CA LEU C 143 -24.21 0.44 -13.00
C LEU C 143 -24.12 -1.07 -12.81
N LYS C 144 -23.06 -1.66 -13.37
CA LYS C 144 -22.85 -3.09 -13.33
C LYS C 144 -21.39 -3.43 -13.06
N ILE C 145 -21.23 -4.52 -12.35
CA ILE C 145 -19.91 -4.98 -11.98
C ILE C 145 -19.99 -6.47 -11.82
N SER C 146 -18.89 -7.16 -12.14
CA SER C 146 -18.85 -8.59 -11.97
C SER C 146 -18.31 -9.04 -10.62
N PRO C 147 -18.62 -10.27 -10.25
CA PRO C 147 -17.93 -10.80 -9.05
C PRO C 147 -16.42 -10.69 -9.07
N GLU C 148 -15.77 -10.94 -10.22
N GLU C 148 -15.84 -11.04 -10.22
CA GLU C 148 -14.28 -10.85 -10.25
CA GLU C 148 -14.40 -10.92 -10.44
C GLU C 148 -13.87 -9.41 -10.07
C GLU C 148 -13.94 -9.52 -10.12
N GLU C 149 -14.64 -8.52 -10.66
CA GLU C 149 -14.30 -7.13 -10.51
C GLU C 149 -14.47 -6.65 -9.05
N GLN C 150 -15.51 -7.19 -8.40
CA GLN C 150 -15.70 -6.88 -7.00
C GLN C 150 -14.58 -7.42 -6.16
N ILE C 151 -14.09 -8.65 -6.43
CA ILE C 151 -12.94 -9.14 -5.73
C ILE C 151 -11.75 -8.19 -5.81
N GLN C 152 -11.49 -7.68 -7.01
CA GLN C 152 -10.38 -6.73 -7.15
C GLN C 152 -10.56 -5.39 -6.47
N PHE C 153 -11.81 -4.89 -6.50
CA PHE C 153 -12.13 -3.71 -5.74
C PHE C 153 -11.90 -3.94 -4.22
N LEU C 154 -12.39 -5.09 -3.72
CA LEU C 154 -12.22 -5.39 -2.30
C LEU C 154 -10.74 -5.50 -1.93
N ARG C 155 -9.95 -6.03 -2.85
CA ARG C 155 -8.49 -6.15 -2.61
C ARG C 155 -7.87 -4.77 -2.56
N LYS C 156 -8.21 -3.90 -3.50
CA LYS C 156 -7.70 -2.55 -3.45
C LYS C 156 -8.02 -1.86 -2.13
N ILE C 157 -9.23 -2.11 -1.61
CA ILE C 157 -9.64 -1.50 -0.34
C ILE C 157 -8.73 -1.96 0.79
N ILE C 158 -8.67 -3.26 0.98
CA ILE C 158 -7.97 -3.70 2.16
C ILE C 158 -6.47 -3.53 2.06
N ASN C 159 -5.98 -3.51 0.82
CA ASN C 159 -4.53 -3.25 0.58
C ASN C 159 -4.19 -1.77 0.51
N HIS C 160 -5.18 -0.89 0.66
CA HIS C 160 -4.99 0.54 0.67
C HIS C 160 -4.42 0.99 -0.66
N ASN C 161 -4.84 0.36 -1.73
CA ASN C 161 -4.42 0.75 -3.09
C ASN C 161 -5.55 1.48 -3.81
N LEU C 162 -6.14 2.43 -3.12
CA LEU C 162 -7.08 3.38 -3.71
C LEU C 162 -6.65 4.77 -3.31
N PRO C 163 -7.03 5.80 -4.10
CA PRO C 163 -6.59 7.16 -3.81
C PRO C 163 -7.58 7.86 -2.90
N VAL C 164 -7.81 7.25 -1.73
CA VAL C 164 -8.67 7.81 -0.71
C VAL C 164 -7.91 7.71 0.59
N LYS C 165 -8.42 8.46 1.59
CA LYS C 165 -7.85 8.44 2.94
C LYS C 165 -7.85 7.02 3.49
N ASN C 166 -6.75 6.60 4.10
CA ASN C 166 -6.67 5.29 4.75
C ASN C 166 -7.78 5.14 5.82
N SER C 167 -8.13 6.24 6.50
CA SER C 167 -9.18 6.18 7.52
C SER C 167 -10.56 5.97 6.89
N ALA C 168 -10.78 6.45 5.65
CA ALA C 168 -12.03 6.20 4.99
C ALA C 168 -12.20 4.71 4.76
N ILE C 169 -11.12 4.03 4.35
CA ILE C 169 -11.12 2.62 4.13
C ILE C 169 -11.36 1.88 5.46
N GLU C 170 -10.60 2.21 6.52
CA GLU C 170 -10.74 1.45 7.75
C GLU C 170 -12.06 1.72 8.49
N ASN C 171 -12.61 2.91 8.37
CA ASN C 171 -13.91 3.18 8.95
C ASN C 171 -14.96 2.36 8.22
N THR C 172 -14.86 2.30 6.88
CA THR C 172 -15.79 1.49 6.11
C THR C 172 -15.75 -0.02 6.45
N ILE C 173 -14.52 -0.54 6.50
CA ILE C 173 -14.35 -1.95 6.86
C ILE C 173 -14.91 -2.22 8.29
N GLU C 174 -14.55 -1.36 9.23
CA GLU C 174 -15.10 -1.50 10.58
C GLU C 174 -16.61 -1.61 10.58
N ASN C 175 -17.24 -0.75 9.79
CA ASN C 175 -18.71 -0.68 9.76
C ASN C 175 -19.32 -1.91 9.14
N MET C 176 -18.56 -2.61 8.31
CA MET C 176 -18.92 -3.90 7.69
C MET C 176 -18.79 -5.13 8.60
N TYR C 177 -18.24 -4.94 9.80
CA TYR C 177 -18.01 -6.10 10.64
C TYR C 177 -19.35 -6.71 10.99
N LEU C 178 -19.45 -8.02 10.89
CA LEU C 178 -20.67 -8.76 11.18
C LEU C 178 -20.56 -9.72 12.35
N GLN C 179 -19.52 -10.54 12.41
CA GLN C 179 -19.43 -11.62 13.39
C GLN C 179 -18.05 -12.28 13.28
N ASP C 180 -17.74 -13.20 14.20
CA ASP C 180 -16.66 -14.15 14.04
C ASP C 180 -17.26 -15.48 13.63
N LEU C 181 -16.54 -16.18 12.77
CA LEU C 181 -16.93 -17.52 12.35
C LEU C 181 -16.39 -18.53 13.33
N ASP C 182 -16.61 -19.80 13.03
CA ASP C 182 -16.56 -20.86 14.05
C ASP C 182 -15.15 -20.97 14.62
N ASN C 183 -14.16 -20.65 13.80
CA ASN C 183 -12.75 -20.74 14.21
C ASN C 183 -12.12 -19.36 14.54
N SER C 184 -12.98 -18.43 14.93
CA SER C 184 -12.58 -17.07 15.31
C SER C 184 -12.15 -16.19 14.14
N THR C 185 -12.25 -16.68 12.92
CA THR C 185 -12.00 -15.84 11.74
C THR C 185 -13.06 -14.74 11.73
N LYS C 186 -12.64 -13.51 11.49
CA LYS C 186 -13.54 -12.35 11.58
C LYS C 186 -14.13 -12.07 10.22
N LEU C 187 -15.45 -11.87 10.19
CA LEU C 187 -16.24 -11.66 8.98
C LEU C 187 -16.70 -10.23 8.88
N TYR C 188 -16.35 -9.56 7.80
CA TYR C 188 -16.76 -8.20 7.50
C TYR C 188 -17.45 -8.32 6.17
N GLY C 189 -18.71 -8.01 6.04
CA GLY C 189 -19.36 -8.23 4.76
C GLY C 189 -20.59 -7.39 4.54
N LYS C 190 -21.11 -7.47 3.34
CA LYS C 190 -22.22 -6.66 2.91
C LYS C 190 -23.05 -7.49 1.98
N THR C 191 -24.37 -7.41 2.14
CA THR C 191 -25.33 -8.00 1.22
C THR C 191 -25.83 -7.00 0.19
N GLY C 192 -26.39 -7.53 -0.87
CA GLY C 192 -27.21 -6.76 -1.78
C GLY C 192 -28.15 -7.65 -2.57
N ALA C 193 -29.34 -7.12 -2.90
CA ALA C 193 -30.36 -7.93 -3.56
C ALA C 193 -31.32 -7.05 -4.34
N GLY C 194 -31.84 -7.63 -5.41
CA GLY C 194 -32.84 -6.95 -6.21
C GLY C 194 -33.35 -7.93 -7.25
N PHE C 195 -34.36 -7.46 -7.98
CA PHE C 195 -34.91 -8.24 -9.09
C PHE C 195 -34.29 -7.76 -10.36
N THR C 196 -34.13 -8.63 -11.34
CA THR C 196 -33.72 -8.26 -12.67
CA THR C 196 -33.74 -8.34 -12.71
C THR C 196 -34.82 -7.51 -13.39
N ALA C 197 -34.44 -6.41 -14.00
CA ALA C 197 -35.38 -5.60 -14.75
C ALA C 197 -36.01 -6.46 -15.85
N ASN C 198 -37.34 -6.37 -15.96
CA ASN C 198 -38.10 -7.00 -17.03
C ASN C 198 -38.18 -8.52 -17.00
N ARG C 199 -37.76 -9.14 -15.89
CA ARG C 199 -37.75 -10.58 -15.73
C ARG C 199 -38.14 -10.93 -14.30
N THR C 200 -38.30 -12.20 -14.02
CA THR C 200 -38.74 -12.62 -12.70
C THR C 200 -37.57 -12.94 -11.78
N LEU C 201 -36.36 -12.97 -12.31
CA LEU C 201 -35.20 -13.39 -11.57
C LEU C 201 -34.84 -12.43 -10.44
N GLN C 202 -34.07 -12.97 -9.50
CA GLN C 202 -33.47 -12.19 -8.41
C GLN C 202 -31.98 -12.32 -8.53
N ASN C 203 -31.31 -11.24 -8.17
CA ASN C 203 -29.85 -11.19 -8.04
C ASN C 203 -29.50 -11.05 -6.57
N GLY C 204 -28.47 -11.75 -6.12
CA GLY C 204 -28.05 -11.65 -4.71
C GLY C 204 -26.55 -11.63 -4.53
N TRP C 205 -26.06 -10.76 -3.64
CA TRP C 205 -24.63 -10.66 -3.31
C TRP C 205 -24.44 -10.82 -1.83
N PHE C 206 -23.30 -11.39 -1.45
CA PHE C 206 -22.71 -11.21 -0.11
C PHE C 206 -21.21 -11.27 -0.26
N GLU C 207 -20.54 -10.21 0.12
CA GLU C 207 -19.12 -10.11 -0.16
C GLU C 207 -18.43 -9.30 0.86
N GLY C 208 -17.13 -9.43 0.97
CA GLY C 208 -16.32 -8.70 1.95
C GLY C 208 -15.00 -9.34 2.25
N PHE C 209 -14.62 -9.27 3.52
CA PHE C 209 -13.30 -9.54 3.98
C PHE C 209 -13.41 -10.64 5.04
N ILE C 210 -12.39 -11.48 5.13
CA ILE C 210 -12.17 -12.28 6.32
C ILE C 210 -10.75 -12.13 6.82
N ILE C 211 -10.63 -12.04 8.11
CA ILE C 211 -9.32 -11.96 8.77
C ILE C 211 -9.25 -13.15 9.70
N SER C 212 -8.29 -14.03 9.42
N SER C 212 -8.37 -14.11 9.37
CA SER C 212 -8.10 -15.23 10.20
CA SER C 212 -8.19 -15.29 10.20
C SER C 212 -7.46 -14.89 11.53
C SER C 212 -7.44 -14.93 11.49
N LYS C 213 -7.67 -15.72 12.54
CA LYS C 213 -7.00 -15.54 13.80
C LYS C 213 -5.47 -15.74 13.67
N SER C 214 -5.04 -16.37 12.59
CA SER C 214 -3.61 -16.49 12.27
C SER C 214 -3.05 -15.23 11.65
N GLY C 215 -3.93 -14.29 11.33
CA GLY C 215 -3.55 -12.94 10.88
C GLY C 215 -3.69 -12.79 9.37
N HIS C 216 -4.01 -13.87 8.69
CA HIS C 216 -4.12 -13.81 7.26
C HIS C 216 -5.42 -13.21 6.76
N LYS C 217 -5.33 -12.30 5.77
N LYS C 217 -5.38 -12.59 5.59
CA LYS C 217 -6.50 -11.58 5.19
CA LYS C 217 -6.53 -11.88 5.16
C LYS C 217 -6.92 -12.06 3.79
C LYS C 217 -6.96 -12.29 3.79
N TYR C 218 -8.24 -12.21 3.56
CA TYR C 218 -8.81 -12.72 2.35
C TYR C 218 -9.98 -11.82 1.95
N VAL C 219 -10.31 -11.82 0.68
CA VAL C 219 -11.53 -11.24 0.22
C VAL C 219 -12.37 -12.30 -0.42
N PHE C 220 -13.69 -12.12 -0.41
CA PHE C 220 -14.59 -13.11 -0.97
C PHE C 220 -15.85 -12.46 -1.55
N VAL C 221 -16.43 -13.16 -2.51
CA VAL C 221 -17.71 -12.77 -3.10
C VAL C 221 -18.52 -14.01 -3.24
N SER C 222 -19.78 -13.99 -2.81
CA SER C 222 -20.79 -14.99 -3.08
C SER C 222 -21.94 -14.30 -3.80
N ALA C 223 -22.32 -14.79 -4.97
CA ALA C 223 -23.32 -14.10 -5.76
C ALA C 223 -24.14 -15.08 -6.57
N LEU C 224 -25.37 -14.71 -6.86
CA LEU C 224 -26.27 -15.59 -7.61
C LEU C 224 -27.35 -14.80 -8.33
N THR C 225 -27.85 -15.40 -9.41
CA THR C 225 -29.04 -14.95 -10.10
C THR C 225 -29.95 -16.13 -10.30
N GLY C 226 -31.23 -16.05 -9.97
CA GLY C 226 -32.10 -17.22 -10.09
C GLY C 226 -33.54 -16.89 -9.83
N ASN C 227 -34.43 -17.82 -10.22
CA ASN C 227 -35.85 -17.73 -9.88
C ASN C 227 -36.12 -18.28 -8.52
N LEU C 228 -36.25 -17.38 -7.56
CA LEU C 228 -36.49 -17.75 -6.19
C LEU C 228 -37.88 -17.31 -5.75
N GLY C 229 -38.73 -17.05 -6.72
CA GLY C 229 -40.11 -16.58 -6.45
C GLY C 229 -40.20 -15.07 -6.24
N SER C 230 -41.25 -14.67 -5.55
CA SER C 230 -41.60 -13.25 -5.38
C SER C 230 -41.04 -12.63 -4.08
N ASN C 231 -40.52 -13.47 -3.23
CA ASN C 231 -39.95 -13.01 -1.96
C ASN C 231 -38.44 -12.89 -2.17
N LEU C 232 -37.89 -11.69 -1.96
CA LEU C 232 -36.46 -11.45 -2.26
C LEU C 232 -35.52 -12.05 -1.24
N THR C 233 -35.02 -13.24 -1.52
CA THR C 233 -34.17 -13.99 -0.60
C THR C 233 -32.80 -14.25 -1.17
N SER C 234 -32.50 -13.67 -2.33
CA SER C 234 -31.23 -13.94 -3.00
C SER C 234 -30.02 -13.63 -2.14
N SER C 235 -30.03 -12.52 -1.38
CA SER C 235 -28.87 -12.21 -0.54
C SER C 235 -28.90 -13.00 0.74
N ILE C 236 -30.05 -13.42 1.21
CA ILE C 236 -30.10 -14.33 2.33
C ILE C 236 -29.38 -15.62 1.95
N LYS C 237 -29.68 -16.14 0.76
CA LYS C 237 -29.08 -17.38 0.26
C LYS C 237 -27.59 -17.19 -0.01
N ALA C 238 -27.24 -16.08 -0.63
CA ALA C 238 -25.81 -15.83 -0.94
C ALA C 238 -25.02 -15.77 0.36
N LYS C 239 -25.58 -15.12 1.39
CA LYS C 239 -24.88 -14.94 2.65
C LYS C 239 -24.77 -16.26 3.41
N LYS C 240 -25.86 -17.02 3.46
CA LYS C 240 -25.84 -18.30 4.10
C LYS C 240 -24.83 -19.22 3.42
N ASN C 241 -24.82 -19.23 2.09
CA ASN C 241 -23.89 -20.04 1.33
C ASN C 241 -22.46 -19.64 1.60
N ALA C 242 -22.19 -18.35 1.67
CA ALA C 242 -20.82 -17.87 1.94
C ALA C 242 -20.36 -18.39 3.27
N ILE C 243 -21.20 -18.23 4.30
CA ILE C 243 -20.82 -18.64 5.65
C ILE C 243 -20.62 -20.14 5.78
N THR C 244 -21.47 -20.91 5.15
CA THR C 244 -21.30 -22.37 5.06
C THR C 244 -19.96 -22.71 4.44
N ILE C 245 -19.67 -22.12 3.29
CA ILE C 245 -18.41 -22.39 2.59
C ILE C 245 -17.19 -22.00 3.42
N LEU C 246 -17.22 -20.79 3.98
CA LEU C 246 -16.11 -20.24 4.73
C LEU C 246 -15.81 -21.08 5.95
N ASN C 247 -16.85 -21.52 6.64
CA ASN C 247 -16.66 -22.38 7.80
C ASN C 247 -16.10 -23.75 7.41
N THR C 248 -16.46 -24.21 6.23
CA THR C 248 -16.02 -25.52 5.80
C THR C 248 -14.53 -25.46 5.50
N LEU C 249 -14.09 -24.36 4.89
CA LEU C 249 -12.70 -24.20 4.46
C LEU C 249 -11.78 -23.96 5.64
N ASN C 250 -12.35 -23.50 6.73
CA ASN C 250 -11.66 -23.42 7.99
C ASN C 250 -10.44 -22.52 7.83
N LEU C 251 -10.61 -21.49 7.01
CA LEU C 251 -9.59 -20.45 6.82
C LEU C 251 -9.66 -19.38 7.91
N THR D 2 4.57 8.67 39.49
CA THR D 2 4.44 9.99 38.79
C THR D 2 3.56 9.96 37.53
N ASP D 3 2.58 10.86 37.48
CA ASP D 3 1.79 11.08 36.28
C ASP D 3 2.62 11.60 35.11
N ILE D 4 2.66 10.85 34.02
CA ILE D 4 3.40 11.28 32.80
C ILE D 4 2.42 11.61 31.67
N SER D 5 1.20 11.99 32.05
CA SER D 5 0.12 12.29 31.08
C SER D 5 0.56 13.24 29.95
N THR D 6 1.41 14.20 30.28
CA THR D 6 1.89 15.16 29.28
C THR D 6 2.51 14.53 28.04
N VAL D 7 3.37 13.53 28.27
CA VAL D 7 4.06 12.87 27.15
C VAL D 7 3.16 11.79 26.54
N ALA D 8 2.51 11.06 27.42
CA ALA D 8 1.85 9.83 27.08
C ALA D 8 0.50 10.08 26.40
N SER D 9 -0.16 11.18 26.76
CA SER D 9 -1.52 11.44 26.25
C SER D 9 -1.61 11.45 24.72
N PRO D 10 -0.78 12.26 24.04
CA PRO D 10 -0.82 12.26 22.58
C PRO D 10 -0.52 10.92 21.97
N LEU D 11 0.35 10.15 22.64
CA LEU D 11 0.77 8.86 22.16
C LEU D 11 -0.36 7.84 22.16
N PHE D 12 -1.23 7.98 23.16
CA PHE D 12 -2.36 7.06 23.31
C PHE D 12 -3.70 7.61 22.84
N GLU D 13 -3.65 8.81 22.26
CA GLU D 13 -4.87 9.42 21.84
C GLU D 13 -5.57 8.51 20.84
N GLY D 14 -6.94 8.28 20.82
CA GLY D 14 -7.63 7.40 19.90
C GLY D 14 -7.73 5.97 20.40
N THR D 15 -7.13 5.75 21.57
CA THR D 15 -7.18 4.47 22.25
C THR D 15 -7.48 4.64 23.72
N GLU D 16 -7.79 3.53 24.38
CA GLU D 16 -7.76 3.43 25.83
CA GLU D 16 -7.75 3.45 25.84
C GLU D 16 -6.41 2.83 26.18
N GLY D 17 -5.46 3.67 26.60
CA GLY D 17 -4.06 3.25 26.73
C GLY D 17 -3.58 3.40 28.16
N CYS D 18 -2.48 2.71 28.47
CA CYS D 18 -1.85 2.86 29.78
C CYS D 18 -0.39 2.48 29.76
N PHE D 19 0.34 3.02 30.70
CA PHE D 19 1.78 2.79 30.79
C PHE D 19 2.12 2.74 32.26
N LEU D 20 2.90 1.74 32.63
CA LEU D 20 3.42 1.60 33.99
C LEU D 20 4.92 1.32 33.91
N LEU D 21 5.67 1.94 34.81
CA LEU D 21 7.09 1.66 34.98
C LEU D 21 7.41 1.60 36.46
N TYR D 22 8.01 0.50 36.89
CA TYR D 22 8.35 0.28 38.31
C TYR D 22 9.78 -0.12 38.45
N ASP D 23 10.40 0.33 39.55
CA ASP D 23 11.72 -0.15 39.89
C ASP D 23 11.59 -1.58 40.35
N ALA D 24 12.36 -2.48 39.75
CA ALA D 24 12.19 -3.89 39.95
C ALA D 24 12.53 -4.27 41.39
N SER D 25 13.55 -3.54 41.96
CA SER D 25 14.08 -3.94 43.26
C SER D 25 13.19 -3.44 44.36
N THR D 26 12.75 -2.18 44.28
CA THR D 26 12.02 -1.54 45.37
C THR D 26 10.52 -1.51 45.16
N ASN D 27 10.08 -1.81 43.94
CA ASN D 27 8.66 -1.75 43.59
C ASN D 27 8.10 -0.33 43.62
N ALA D 28 8.97 0.66 43.54
CA ALA D 28 8.55 2.04 43.43
C ALA D 28 7.94 2.30 42.07
N GLU D 29 6.76 2.87 42.06
CA GLU D 29 6.20 3.38 40.83
C GLU D 29 7.02 4.56 40.37
N ILE D 30 7.53 4.49 39.15
CA ILE D 30 8.32 5.53 38.59
C ILE D 30 7.46 6.41 37.66
N ALA D 31 6.60 5.79 36.86
CA ALA D 31 5.76 6.54 35.92
C ALA D 31 4.48 5.76 35.70
N GLN D 32 3.37 6.48 35.54
CA GLN D 32 2.10 5.86 35.28
C GLN D 32 1.26 6.75 34.37
N PHE D 33 0.50 6.09 33.51
CA PHE D 33 -0.51 6.76 32.70
C PHE D 33 -1.76 5.88 32.70
N ASN D 34 -2.89 6.45 33.11
CA ASN D 34 -4.21 5.84 33.09
C ASN D 34 -4.36 4.59 33.96
N LYS D 35 -4.47 4.79 35.27
CA LYS D 35 -4.60 3.66 36.21
C LYS D 35 -5.86 2.85 36.02
N ALA D 36 -6.94 3.45 35.54
CA ALA D 36 -8.15 2.70 35.33
C ALA D 36 -7.93 1.60 34.28
N LYS D 37 -7.24 1.93 33.19
CA LYS D 37 -6.93 0.94 32.13
C LYS D 37 -5.89 -0.09 32.64
N CYS D 38 -4.94 0.35 33.46
CA CYS D 38 -3.96 -0.55 34.08
C CYS D 38 -4.60 -1.67 34.93
N ALA D 39 -5.76 -1.40 35.55
CA ALA D 39 -6.44 -2.39 36.38
C ALA D 39 -7.32 -3.38 35.60
N THR D 40 -7.52 -3.12 34.31
CA THR D 40 -8.49 -3.90 33.54
C THR D 40 -7.79 -5.15 32.98
N GLN D 41 -8.32 -6.34 33.26
CA GLN D 41 -7.81 -7.58 32.69
C GLN D 41 -8.20 -7.75 31.25
N MET D 42 -7.21 -8.11 30.42
CA MET D 42 -7.46 -8.53 29.05
C MET D 42 -6.56 -9.69 28.65
N ALA D 43 -6.79 -10.23 27.47
CA ALA D 43 -6.03 -11.39 27.04
C ALA D 43 -4.55 -11.01 26.91
N PRO D 44 -3.64 -11.85 27.40
CA PRO D 44 -2.23 -11.52 27.28
C PRO D 44 -1.72 -11.65 25.83
N ASP D 45 -2.38 -12.43 25.01
CA ASP D 45 -1.95 -12.70 23.65
C ASP D 45 -0.52 -13.16 23.71
N SER D 46 0.32 -12.71 22.79
CA SER D 46 1.64 -13.31 22.73
C SER D 46 2.55 -12.96 23.87
N THR D 47 2.17 -12.06 24.77
CA THR D 47 2.94 -11.87 26.00
C THR D 47 2.89 -13.08 26.90
N PHE D 48 1.99 -13.99 26.66
CA PHE D 48 1.97 -15.23 27.42
C PHE D 48 3.20 -16.06 27.09
N ASP D 49 3.82 -15.83 25.94
CA ASP D 49 5.07 -16.55 25.63
C ASP D 49 6.12 -16.38 26.71
N ILE D 50 6.09 -15.28 27.46
CA ILE D 50 7.01 -15.11 28.58
C ILE D 50 6.76 -16.23 29.60
N ALA D 51 5.53 -16.45 29.97
CA ALA D 51 5.20 -17.54 30.89
C ALA D 51 5.53 -18.89 30.26
N LEU D 52 5.22 -19.11 28.97
CA LEU D 52 5.45 -20.41 28.34
C LEU D 52 6.94 -20.70 28.27
N SER D 53 7.75 -19.69 28.05
CA SER D 53 9.20 -19.86 28.00
C SER D 53 9.72 -20.33 29.37
N LEU D 54 9.25 -19.70 30.45
CA LEU D 54 9.61 -20.13 31.80
C LEU D 54 9.23 -21.58 31.96
N MET D 55 8.02 -21.95 31.57
CA MET D 55 7.58 -23.34 31.71
C MET D 55 8.42 -24.30 30.91
N ALA D 56 8.72 -23.99 29.67
CA ALA D 56 9.38 -24.92 28.77
C ALA D 56 10.83 -25.14 29.23
N PHE D 57 11.51 -24.10 29.69
CA PHE D 57 12.88 -24.27 30.18
C PHE D 57 12.83 -25.00 31.53
N ASP D 58 11.85 -24.69 32.35
CA ASP D 58 11.79 -25.30 33.68
C ASP D 58 11.54 -26.80 33.53
N ALA D 59 10.66 -27.17 32.61
CA ALA D 59 10.30 -28.58 32.37
C ALA D 59 11.33 -29.30 31.53
N GLU D 60 12.37 -28.57 31.13
CA GLU D 60 13.47 -29.08 30.34
C GLU D 60 13.01 -29.77 29.06
N ILE D 61 11.95 -29.25 28.45
CA ILE D 61 11.59 -29.69 27.09
C ILE D 61 12.24 -28.89 25.97
N ILE D 62 12.84 -27.76 26.30
CA ILE D 62 13.67 -27.06 25.37
C ILE D 62 14.96 -26.65 26.10
N ASP D 63 15.95 -26.32 25.32
CA ASP D 63 17.12 -25.48 25.67
C ASP D 63 17.48 -24.50 24.57
N GLN D 64 18.57 -23.74 24.74
CA GLN D 64 18.86 -22.69 23.78
C GLN D 64 19.25 -23.23 22.44
N LYS D 65 19.53 -24.54 22.41
CA LYS D 65 19.98 -25.24 21.21
CA LYS D 65 19.97 -25.22 21.20
C LYS D 65 18.80 -25.79 20.39
N THR D 66 17.62 -25.82 21.00
CA THR D 66 16.43 -26.40 20.34
C THR D 66 16.12 -25.72 19.01
N ILE D 67 15.84 -26.52 17.97
CA ILE D 67 15.30 -26.01 16.72
C ILE D 67 13.89 -26.58 16.59
N PHE D 68 12.92 -25.66 16.52
CA PHE D 68 11.55 -26.01 16.22
C PHE D 68 11.45 -26.15 14.71
N LYS D 69 10.90 -27.30 14.29
CA LYS D 69 10.91 -27.68 12.90
C LYS D 69 9.57 -27.33 12.29
N TRP D 70 9.57 -26.50 11.26
CA TRP D 70 8.39 -26.03 10.59
C TRP D 70 7.86 -27.21 9.74
N ASP D 71 6.56 -27.32 9.69
CA ASP D 71 5.89 -28.40 8.98
C ASP D 71 5.63 -28.08 7.50
N LYS D 72 6.22 -26.99 6.99
CA LYS D 72 6.14 -26.58 5.57
C LYS D 72 4.83 -25.99 5.11
N THR D 73 3.88 -25.81 6.01
CA THR D 73 2.60 -25.28 5.62
C THR D 73 2.46 -23.84 6.12
N PRO D 74 1.80 -22.98 5.33
CA PRO D 74 1.66 -21.58 5.73
C PRO D 74 0.99 -21.43 7.10
N LYS D 75 1.54 -20.52 7.92
CA LYS D 75 1.09 -20.39 9.31
C LYS D 75 0.37 -19.07 9.56
N GLY D 76 0.48 -18.16 8.60
CA GLY D 76 -0.36 -16.94 8.58
C GLY D 76 0.42 -15.66 8.36
N MET D 77 1.69 -15.73 8.74
CA MET D 77 2.64 -14.64 8.61
CA MET D 77 2.64 -14.63 8.58
C MET D 77 3.91 -15.21 8.00
N GLU D 78 4.50 -14.52 7.03
CA GLU D 78 5.71 -15.04 6.40
C GLU D 78 6.87 -15.33 7.36
N ILE D 79 7.03 -14.53 8.42
CA ILE D 79 8.13 -14.75 9.32
C ILE D 79 7.95 -16.04 10.16
N TRP D 80 6.70 -16.50 10.22
CA TRP D 80 6.39 -17.76 10.91
C TRP D 80 6.71 -19.00 10.09
N ASN D 81 6.84 -18.82 8.78
CA ASN D 81 6.93 -19.94 7.83
C ASN D 81 8.39 -20.38 7.66
N SER D 82 9.00 -20.81 8.75
CA SER D 82 10.36 -21.29 8.78
C SER D 82 10.66 -22.04 10.09
N ASN D 83 11.82 -22.70 10.18
CA ASN D 83 12.25 -23.22 11.47
C ASN D 83 12.57 -22.04 12.42
N HIS D 84 12.59 -22.34 13.71
CA HIS D 84 12.78 -21.33 14.76
C HIS D 84 13.60 -21.87 15.90
N THR D 85 14.14 -20.94 16.68
CA THR D 85 14.82 -21.26 17.92
C THR D 85 14.03 -20.62 19.09
N PRO D 86 14.37 -20.96 20.32
CA PRO D 86 13.70 -20.25 21.42
C PRO D 86 13.88 -18.73 21.35
N LYS D 87 14.99 -18.23 20.82
CA LYS D 87 15.19 -16.81 20.61
C LYS D 87 14.26 -16.28 19.54
N THR D 88 14.20 -16.89 18.34
CA THR D 88 13.37 -16.25 17.30
C THR D 88 11.86 -16.47 17.52
N TRP D 89 11.57 -17.55 18.24
CA TRP D 89 10.23 -17.80 18.75
C TRP D 89 9.73 -16.60 19.58
N MET D 90 10.57 -16.17 20.52
CA MET D 90 10.27 -15.00 21.36
CA MET D 90 10.25 -15.01 21.36
C MET D 90 10.21 -13.74 20.53
N GLN D 91 11.22 -13.54 19.69
CA GLN D 91 11.34 -12.33 18.89
C GLN D 91 10.14 -12.09 17.99
N PHE D 92 9.72 -13.14 17.29
CA PHE D 92 8.69 -13.02 16.28
C PHE D 92 7.32 -13.56 16.68
N SER D 93 7.19 -13.90 17.97
CA SER D 93 5.90 -14.37 18.49
C SER D 93 5.38 -15.46 17.56
N VAL D 94 6.15 -16.55 17.51
CA VAL D 94 5.78 -17.64 16.59
C VAL D 94 4.72 -18.54 17.28
N VAL D 95 3.47 -18.30 16.97
CA VAL D 95 2.35 -18.95 17.64
C VAL D 95 2.43 -20.46 17.54
N TRP D 96 2.86 -21.00 16.39
CA TRP D 96 2.80 -22.44 16.28
C TRP D 96 3.84 -23.12 17.15
N VAL D 97 4.90 -22.40 17.49
CA VAL D 97 5.88 -22.89 18.43
C VAL D 97 5.29 -22.89 19.86
N SER D 98 4.56 -21.83 20.23
CA SER D 98 3.91 -21.74 21.53
C SER D 98 2.94 -22.90 21.67
N GLN D 99 2.24 -23.25 20.60
CA GLN D 99 1.25 -24.34 20.61
C GLN D 99 1.90 -25.72 20.68
N GLU D 100 3.05 -25.84 20.05
CA GLU D 100 3.86 -27.05 20.18
C GLU D 100 4.31 -27.23 21.62
N ILE D 101 4.73 -26.12 22.23
CA ILE D 101 5.10 -26.12 23.64
C ILE D 101 3.95 -26.50 24.58
N THR D 102 2.76 -25.91 24.44
CA THR D 102 1.70 -26.22 25.37
C THR D 102 1.25 -27.66 25.23
N GLN D 103 1.21 -28.16 24.00
CA GLN D 103 0.89 -29.56 23.80
C GLN D 103 1.91 -30.48 24.46
N LYS D 104 3.19 -30.12 24.42
CA LYS D 104 4.27 -30.94 25.05
C LYS D 104 4.16 -30.90 26.57
N ILE D 105 3.85 -29.73 27.13
CA ILE D 105 3.72 -29.60 28.59
C ILE D 105 2.46 -30.27 29.10
N GLY D 106 1.33 -29.97 28.49
CA GLY D 106 0.05 -30.55 28.85
C GLY D 106 -0.80 -29.69 29.78
N LEU D 107 -2.11 -29.86 29.71
CA LEU D 107 -3.08 -28.95 30.31
C LEU D 107 -3.00 -28.80 31.85
N ASN D 108 -3.10 -29.91 32.56
CA ASN D 108 -3.19 -29.81 34.01
C ASN D 108 -1.85 -29.30 34.58
N LYS D 109 -0.75 -29.63 33.92
CA LYS D 109 0.57 -29.04 34.26
C LYS D 109 0.72 -27.52 33.94
N ILE D 110 0.21 -27.08 32.79
CA ILE D 110 0.14 -25.63 32.55
C ILE D 110 -0.67 -24.99 33.68
N LYS D 111 -1.78 -25.61 34.06
CA LYS D 111 -2.63 -25.07 35.12
C LYS D 111 -1.91 -24.96 36.45
N ASN D 112 -1.03 -25.91 36.71
CA ASN D 112 -0.23 -25.87 37.92
CA ASN D 112 -0.19 -25.91 37.90
C ASN D 112 0.82 -24.76 37.89
N TYR D 113 1.43 -24.52 36.73
CA TYR D 113 2.32 -23.36 36.56
C TYR D 113 1.57 -22.00 36.69
N LEU D 114 0.37 -21.95 36.18
CA LEU D 114 -0.45 -20.75 36.28
C LEU D 114 -0.77 -20.43 37.74
N LYS D 115 -1.03 -21.47 38.55
CA LYS D 115 -1.32 -21.23 39.95
C LYS D 115 -0.04 -20.79 40.66
N ASP D 116 1.07 -21.45 40.35
CA ASP D 116 2.38 -21.10 40.88
C ASP D 116 2.76 -19.65 40.56
N PHE D 117 2.42 -19.22 39.35
CA PHE D 117 2.75 -17.87 38.87
C PHE D 117 1.70 -16.87 39.33
N ASP D 118 0.59 -17.33 39.91
CA ASP D 118 -0.53 -16.52 40.32
C ASP D 118 -0.97 -15.61 39.16
N TYR D 119 -1.13 -16.21 37.99
CA TYR D 119 -1.19 -15.47 36.72
C TYR D 119 -2.65 -15.13 36.35
N GLY D 120 -3.03 -13.86 36.44
CA GLY D 120 -4.32 -13.40 35.95
C GLY D 120 -5.50 -14.19 36.49
N ASN D 121 -6.46 -14.49 35.64
CA ASN D 121 -7.64 -15.26 36.07
C ASN D 121 -7.43 -16.76 36.00
N GLN D 122 -6.23 -17.20 35.57
CA GLN D 122 -5.86 -18.61 35.47
C GLN D 122 -6.88 -19.45 34.68
N ASP D 123 -7.65 -18.82 33.81
CA ASP D 123 -8.68 -19.51 33.04
C ASP D 123 -8.13 -19.99 31.71
N PHE D 124 -7.77 -21.27 31.65
CA PHE D 124 -7.20 -21.90 30.45
C PHE D 124 -8.21 -22.80 29.76
N SER D 125 -9.47 -22.47 29.91
CA SER D 125 -10.52 -23.27 29.30
C SER D 125 -10.70 -23.05 27.80
N GLY D 126 -10.17 -21.95 27.28
CA GLY D 126 -10.39 -21.61 25.89
C GLY D 126 -11.79 -21.11 25.57
N ASP D 127 -12.19 -21.30 24.32
CA ASP D 127 -13.41 -20.72 23.78
C ASP D 127 -14.59 -21.60 24.15
N LYS D 128 -15.73 -20.95 24.38
CA LYS D 128 -16.98 -21.65 24.68
C LYS D 128 -17.28 -22.65 23.58
N GLU D 129 -17.48 -23.90 23.98
CA GLU D 129 -17.87 -24.95 23.03
C GLU D 129 -16.87 -25.08 21.87
N ARG D 130 -15.58 -25.10 22.18
CA ARG D 130 -14.55 -25.45 21.19
C ARG D 130 -13.50 -26.45 21.71
N ASN D 131 -13.42 -26.60 23.03
CA ASN D 131 -12.42 -27.48 23.66
C ASN D 131 -10.99 -27.24 23.14
N ASN D 132 -10.59 -25.97 23.08
CA ASN D 132 -9.35 -25.61 22.43
C ASN D 132 -8.41 -24.82 23.34
N GLY D 133 -8.65 -24.89 24.64
CA GLY D 133 -7.86 -24.10 25.58
C GLY D 133 -6.38 -24.39 25.47
N LEU D 134 -6.02 -25.64 25.22
CA LEU D 134 -4.62 -26.04 25.23
C LEU D 134 -3.80 -25.31 24.19
N THR D 135 -4.43 -24.94 23.07
CA THR D 135 -3.72 -24.23 22.02
C THR D 135 -4.25 -22.81 21.69
N GLU D 136 -5.26 -22.34 22.40
CA GLU D 136 -5.83 -21.01 22.12
C GLU D 136 -6.09 -20.17 23.37
N ALA D 137 -6.00 -20.72 24.58
CA ALA D 137 -6.60 -20.01 25.73
C ALA D 137 -6.04 -18.61 25.97
N TRP D 138 -4.79 -18.39 25.60
CA TRP D 138 -4.09 -17.12 25.84
C TRP D 138 -4.24 -16.12 24.68
N LEU D 139 -4.92 -16.53 23.61
CA LEU D 139 -5.06 -15.72 22.42
C LEU D 139 -6.49 -15.24 22.28
N GLU D 140 -6.76 -14.09 22.87
CA GLU D 140 -8.09 -13.47 22.83
C GLU D 140 -9.16 -14.49 23.11
N SER D 141 -9.01 -15.09 24.27
CA SER D 141 -9.86 -16.20 24.70
C SER D 141 -10.12 -16.08 26.20
N SER D 142 -9.96 -17.16 26.94
CA SER D 142 -10.46 -17.22 28.31
C SER D 142 -9.48 -16.55 29.24
N LEU D 143 -8.17 -16.75 29.01
CA LEU D 143 -7.15 -16.25 29.94
C LEU D 143 -7.03 -14.72 29.87
N LYS D 144 -7.05 -14.07 31.03
CA LYS D 144 -6.97 -12.61 31.12
CA LYS D 144 -6.96 -12.61 31.11
C LYS D 144 -6.06 -12.19 32.27
N ILE D 145 -5.39 -11.07 32.08
CA ILE D 145 -4.49 -10.52 33.04
C ILE D 145 -4.42 -9.01 32.85
N SER D 146 -4.24 -8.23 33.93
CA SER D 146 -4.19 -6.79 33.81
C SER D 146 -2.76 -6.33 33.60
N PRO D 147 -2.60 -5.08 33.13
CA PRO D 147 -1.28 -4.48 33.12
C PRO D 147 -0.60 -4.43 34.49
N GLU D 148 -1.35 -4.10 35.53
CA GLU D 148 -0.75 -4.09 36.85
CA GLU D 148 -0.89 -4.10 36.92
C GLU D 148 -0.31 -5.47 37.30
N GLU D 149 -1.05 -6.51 36.96
CA GLU D 149 -0.65 -7.88 37.27
C GLU D 149 0.58 -8.29 36.46
N GLN D 150 0.65 -7.85 35.20
CA GLN D 150 1.81 -8.15 34.37
C GLN D 150 3.06 -7.48 34.90
N ILE D 151 2.96 -6.25 35.43
CA ILE D 151 4.10 -5.63 36.10
C ILE D 151 4.60 -6.53 37.22
N GLN D 152 3.70 -7.02 38.06
CA GLN D 152 4.16 -7.82 39.21
C GLN D 152 4.66 -9.18 38.83
N PHE D 153 4.12 -9.76 37.75
CA PHE D 153 4.67 -10.99 37.20
C PHE D 153 6.09 -10.75 36.72
N LEU D 154 6.26 -9.70 35.93
CA LEU D 154 7.61 -9.36 35.45
C LEU D 154 8.59 -9.15 36.61
N ARG D 155 8.12 -8.49 37.66
CA ARG D 155 8.97 -8.22 38.81
C ARG D 155 9.37 -9.54 39.50
N LYS D 156 8.45 -10.48 39.63
CA LYS D 156 8.80 -11.82 40.16
C LYS D 156 9.85 -12.49 39.31
N ILE D 157 9.74 -12.36 38.01
CA ILE D 157 10.66 -13.01 37.13
C ILE D 157 12.09 -12.52 37.37
N ILE D 158 12.28 -11.20 37.30
CA ILE D 158 13.64 -10.67 37.34
C ILE D 158 14.22 -10.80 38.76
N ASN D 159 13.36 -10.87 39.76
CA ASN D 159 13.82 -11.06 41.14
C ASN D 159 13.88 -12.54 41.53
N HIS D 160 13.64 -13.44 40.58
CA HIS D 160 13.68 -14.87 40.83
C HIS D 160 12.72 -15.36 41.92
N ASN D 161 11.62 -14.66 42.10
CA ASN D 161 10.59 -15.00 43.05
C ASN D 161 9.49 -15.84 42.36
N LEU D 162 9.91 -16.89 41.65
CA LEU D 162 8.99 -17.91 41.14
C LEU D 162 9.64 -19.25 41.39
N PRO D 163 8.80 -20.31 41.49
CA PRO D 163 9.36 -21.61 41.83
C PRO D 163 9.75 -22.36 40.56
N VAL D 164 10.65 -21.78 39.78
CA VAL D 164 11.20 -22.42 38.61
C VAL D 164 12.72 -22.29 38.65
N LYS D 165 13.39 -22.99 37.74
CA LYS D 165 14.85 -22.93 37.63
CA LYS D 165 14.84 -22.92 37.67
C LYS D 165 15.35 -21.50 37.41
N ASN D 166 16.40 -21.11 38.11
CA ASN D 166 17.04 -19.84 37.84
C ASN D 166 17.40 -19.66 36.37
N SER D 167 17.89 -20.71 35.76
CA SER D 167 18.28 -20.65 34.37
C SER D 167 17.06 -20.42 33.44
N ALA D 168 15.92 -21.01 33.80
CA ALA D 168 14.69 -20.82 33.02
C ALA D 168 14.32 -19.34 32.98
N ILE D 169 14.45 -18.67 34.13
CA ILE D 169 14.31 -17.21 34.17
C ILE D 169 15.30 -16.48 33.30
N GLU D 170 16.58 -16.74 33.49
CA GLU D 170 17.53 -15.89 32.79
C GLU D 170 17.69 -16.19 31.29
N ASN D 171 17.45 -17.45 30.90
CA ASN D 171 17.34 -17.74 29.48
C ASN D 171 16.13 -17.02 28.82
N THR D 172 15.02 -16.94 29.53
CA THR D 172 13.83 -16.27 29.01
C THR D 172 14.05 -14.77 28.87
N ILE D 173 14.64 -14.17 29.91
CA ILE D 173 15.02 -12.77 29.83
C ILE D 173 15.99 -12.50 28.67
N GLU D 174 17.05 -13.32 28.55
CA GLU D 174 17.99 -13.12 27.49
C GLU D 174 17.34 -13.10 26.10
N ASN D 175 16.38 -14.01 25.95
CA ASN D 175 15.70 -14.19 24.70
C ASN D 175 14.70 -13.08 24.38
N MET D 176 14.41 -12.25 25.39
CA MET D 176 13.65 -11.00 25.22
C MET D 176 14.50 -9.79 24.87
N TYR D 177 15.83 -9.89 24.93
CA TYR D 177 16.63 -8.72 24.62
C TYR D 177 16.33 -8.19 23.23
N LEU D 178 16.14 -6.89 23.09
CA LEU D 178 15.84 -6.27 21.81
C LEU D 178 16.92 -5.30 21.34
N GLN D 179 17.34 -4.41 22.19
CA GLN D 179 18.23 -3.32 21.77
C GLN D 179 18.62 -2.51 23.00
N ASP D 180 19.54 -1.58 22.85
CA ASP D 180 19.72 -0.52 23.80
C ASP D 180 18.96 0.75 23.39
N LEU D 181 18.56 1.53 24.39
CA LEU D 181 17.90 2.81 24.17
C LEU D 181 18.94 3.92 24.09
N ASP D 182 18.50 5.17 24.05
CA ASP D 182 19.39 6.29 23.67
C ASP D 182 20.57 6.45 24.61
N ASN D 183 20.34 6.20 25.89
CA ASN D 183 21.37 6.47 26.93
C ASN D 183 22.01 5.18 27.42
N SER D 184 22.02 4.18 26.55
CA SER D 184 22.65 2.87 26.81
C SER D 184 21.84 1.93 27.70
N THR D 185 20.68 2.40 28.17
CA THR D 185 19.76 1.54 28.91
C THR D 185 19.32 0.39 28.00
N LYS D 186 19.25 -0.80 28.56
CA LYS D 186 19.01 -1.99 27.80
C LYS D 186 17.55 -2.37 27.85
N LEU D 187 16.99 -2.81 26.72
CA LEU D 187 15.58 -3.07 26.57
C LEU D 187 15.39 -4.53 26.28
N TYR D 188 14.60 -5.18 27.12
CA TYR D 188 14.18 -6.54 26.96
C TYR D 188 12.66 -6.49 26.92
N GLY D 189 12.07 -6.90 25.82
CA GLY D 189 10.65 -6.66 25.64
C GLY D 189 9.98 -7.78 24.90
N LYS D 190 8.67 -7.69 24.88
CA LYS D 190 7.79 -8.65 24.23
C LYS D 190 6.48 -7.97 23.88
N THR D 191 6.07 -8.16 22.64
CA THR D 191 4.79 -7.69 22.19
C THR D 191 3.73 -8.78 22.23
N GLY D 192 2.49 -8.32 22.16
CA GLY D 192 1.36 -9.15 21.85
C GLY D 192 0.17 -8.36 21.41
N ALA D 193 -0.66 -8.96 20.57
CA ALA D 193 -1.81 -8.27 20.06
C ALA D 193 -2.83 -9.22 19.54
N GLY D 194 -4.05 -8.74 19.43
CA GLY D 194 -5.15 -9.53 18.89
C GLY D 194 -6.39 -8.68 18.82
N PHE D 195 -7.41 -9.23 18.18
CA PHE D 195 -8.71 -8.59 18.14
C PHE D 195 -9.57 -9.15 19.26
N THR D 196 -10.30 -8.27 19.89
CA THR D 196 -11.27 -8.72 20.89
C THR D 196 -12.32 -9.66 20.23
N ALA D 197 -12.54 -10.81 20.82
CA ALA D 197 -13.46 -11.77 20.28
C ALA D 197 -14.83 -11.13 20.03
N ASN D 198 -15.38 -11.41 18.85
CA ASN D 198 -16.73 -10.96 18.52
C ASN D 198 -16.88 -9.45 18.41
N ARG D 199 -15.78 -8.71 18.32
CA ARG D 199 -15.79 -7.27 18.16
CA ARG D 199 -15.75 -7.26 18.20
C ARG D 199 -14.70 -6.81 17.18
N THR D 200 -14.67 -5.50 16.91
CA THR D 200 -13.69 -4.91 16.01
C THR D 200 -12.46 -4.42 16.72
N LEU D 201 -12.53 -4.27 18.04
CA LEU D 201 -11.44 -3.68 18.79
C LEU D 201 -10.17 -4.52 18.73
N GLN D 202 -9.02 -3.83 18.82
CA GLN D 202 -7.69 -4.45 18.91
C GLN D 202 -7.17 -4.17 20.32
N ASN D 203 -6.42 -5.15 20.84
CA ASN D 203 -5.65 -5.00 22.08
C ASN D 203 -4.17 -5.17 21.78
N GLY D 204 -3.31 -4.36 22.37
CA GLY D 204 -1.89 -4.54 22.17
C GLY D 204 -1.14 -4.31 23.45
N TRP D 205 -0.01 -5.03 23.53
CA TRP D 205 0.93 -5.00 24.63
C TRP D 205 2.36 -4.79 24.16
N PHE D 206 3.16 -4.09 24.94
CA PHE D 206 4.61 -4.22 24.88
C PHE D 206 5.10 -4.09 26.30
N GLU D 207 5.83 -5.10 26.79
CA GLU D 207 6.20 -5.12 28.18
C GLU D 207 7.55 -5.77 28.34
N GLY D 208 8.16 -5.59 29.50
CA GLY D 208 9.43 -6.23 29.80
C GLY D 208 10.23 -5.45 30.80
N PHE D 209 11.55 -5.44 30.56
CA PHE D 209 12.54 -5.04 31.52
C PHE D 209 13.42 -3.96 30.92
N ILE D 210 13.93 -3.05 31.74
CA ILE D 210 15.03 -2.18 31.34
C ILE D 210 16.12 -2.25 32.37
N ILE D 211 17.36 -2.25 31.91
CA ILE D 211 18.51 -2.30 32.79
C ILE D 211 19.35 -1.08 32.42
N SER D 212 19.47 -0.17 33.38
CA SER D 212 20.17 1.10 33.20
C SER D 212 21.65 0.95 33.56
N LYS D 213 22.48 1.73 32.86
CA LYS D 213 23.90 1.83 33.22
C LYS D 213 24.08 2.47 34.60
N SER D 214 23.03 3.11 35.09
CA SER D 214 23.00 3.64 36.46
C SER D 214 23.04 2.53 37.51
N GLY D 215 22.65 1.33 37.10
CA GLY D 215 22.55 0.16 37.95
C GLY D 215 21.13 -0.30 38.17
N HIS D 216 20.18 0.62 38.07
CA HIS D 216 18.78 0.30 38.35
C HIS D 216 18.19 -0.60 37.27
N LYS D 217 17.29 -1.46 37.70
CA LYS D 217 16.49 -2.29 36.81
C LYS D 217 15.03 -2.00 37.04
N TYR D 218 14.28 -2.01 35.96
CA TYR D 218 12.86 -1.67 35.98
C TYR D 218 12.07 -2.71 35.19
N VAL D 219 10.79 -2.75 35.52
CA VAL D 219 9.79 -3.47 34.72
C VAL D 219 8.78 -2.47 34.16
N PHE D 220 8.26 -2.74 32.98
CA PHE D 220 7.29 -1.81 32.38
C PHE D 220 6.25 -2.54 31.59
N VAL D 221 5.11 -1.89 31.44
CA VAL D 221 4.04 -2.37 30.60
C VAL D 221 3.38 -1.20 29.88
N SER D 222 3.30 -1.33 28.56
CA SER D 222 2.56 -0.41 27.70
C SER D 222 1.44 -1.20 27.07
N ALA D 223 0.19 -0.77 27.23
CA ALA D 223 -0.93 -1.58 26.73
C ALA D 223 -2.07 -0.70 26.27
N LEU D 224 -2.86 -1.16 25.32
CA LEU D 224 -3.95 -0.33 24.80
C LEU D 224 -4.97 -1.17 24.11
N THR D 225 -6.21 -0.62 24.08
CA THR D 225 -7.33 -1.19 23.39
C THR D 225 -8.01 -0.11 22.60
N GLY D 226 -8.33 -0.38 21.35
CA GLY D 226 -8.99 0.65 20.55
C GLY D 226 -9.42 0.15 19.19
N ASN D 227 -10.21 0.97 18.52
CA ASN D 227 -10.57 0.73 17.12
C ASN D 227 -9.50 1.31 16.20
N LEU D 228 -8.58 0.46 15.80
CA LEU D 228 -7.47 0.89 14.97
C LEU D 228 -7.55 0.32 13.58
N GLY D 229 -8.72 -0.21 13.24
CA GLY D 229 -8.94 -0.79 11.93
C GLY D 229 -8.66 -2.26 11.88
N SER D 230 -8.41 -2.75 10.68
CA SER D 230 -8.36 -4.17 10.42
C SER D 230 -6.93 -4.70 10.30
N ASN D 231 -5.97 -3.78 10.40
CA ASN D 231 -4.57 -4.15 10.51
CA ASN D 231 -4.55 -4.11 10.45
C ASN D 231 -4.14 -4.07 11.93
N LEU D 232 -3.60 -5.16 12.41
CA LEU D 232 -3.27 -5.28 13.77
C LEU D 232 -1.96 -4.50 14.07
N THR D 233 -2.10 -3.28 14.58
CA THR D 233 -1.00 -2.36 14.81
C THR D 233 -0.89 -1.93 16.27
N SER D 234 -1.77 -2.48 17.12
CA SER D 234 -1.87 -2.13 18.52
C SER D 234 -0.56 -2.36 19.30
N SER D 235 0.14 -3.42 18.97
CA SER D 235 1.42 -3.68 19.65
C SER D 235 2.58 -2.89 19.05
N ILE D 236 2.49 -2.60 17.76
CA ILE D 236 3.42 -1.66 17.14
C ILE D 236 3.32 -0.30 17.85
N LYS D 237 2.08 0.17 18.06
CA LYS D 237 1.83 1.41 18.76
C LYS D 237 2.22 1.34 20.24
N ALA D 238 1.87 0.23 20.92
CA ALA D 238 2.26 0.10 22.34
C ALA D 238 3.78 0.12 22.54
N LYS D 239 4.48 -0.49 21.58
CA LYS D 239 5.92 -0.60 21.62
C LYS D 239 6.54 0.78 21.31
N LYS D 240 6.07 1.42 20.24
CA LYS D 240 6.54 2.78 19.95
C LYS D 240 6.38 3.70 21.12
N ASN D 241 5.18 3.67 21.69
CA ASN D 241 4.88 4.51 22.80
C ASN D 241 5.77 4.27 24.04
N ALA D 242 6.07 2.99 24.31
CA ALA D 242 6.93 2.65 25.43
C ALA D 242 8.32 3.24 25.17
N ILE D 243 8.83 3.01 23.98
CA ILE D 243 10.22 3.43 23.72
C ILE D 243 10.31 4.96 23.74
N THR D 244 9.29 5.62 23.21
CA THR D 244 9.23 7.10 23.28
C THR D 244 9.27 7.60 24.70
N ILE D 245 8.41 7.02 25.54
CA ILE D 245 8.34 7.41 26.93
C ILE D 245 9.66 7.13 27.63
N LEU D 246 10.17 5.92 27.47
CA LEU D 246 11.40 5.52 28.16
C LEU D 246 12.59 6.38 27.81
N ASN D 247 12.72 6.75 26.55
CA ASN D 247 13.75 7.73 26.13
C ASN D 247 13.57 9.12 26.76
N THR D 248 12.34 9.55 27.01
CA THR D 248 12.09 10.83 27.67
C THR D 248 12.47 10.85 29.13
N LEU D 249 12.48 9.68 29.75
CA LEU D 249 12.69 9.60 31.17
C LEU D 249 14.15 9.47 31.48
N ASN D 250 14.88 8.93 30.52
CA ASN D 250 16.30 8.98 30.57
C ASN D 250 16.71 8.28 31.86
N LEU D 251 16.14 7.08 32.03
CA LEU D 251 16.42 6.22 33.18
C LEU D 251 17.59 5.30 32.87
#